data_3MUC
#
_entry.id   3MUC
#
_cell.length_a   139.600
_cell.length_b   139.600
_cell.length_c   84.200
_cell.angle_alpha   90.00
_cell.angle_beta   90.00
_cell.angle_gamma   90.00
#
_symmetry.space_group_name_H-M   'I 4'
#
loop_
_entity.id
_entity.type
_entity.pdbx_description
1 polymer 'PROTEIN (MUCONATE CYCLOISOMERASE)'
2 non-polymer 'MANGANESE (II) ION'
3 water water
#
_entity_poly.entity_id   1
_entity_poly.type   'polypeptide(L)'
_entity_poly.pdbx_seq_one_letter_code
;ALIERIDAIIVDLPTIRPHKLAMHTMQQQTLVVLRVRCSDGVEGIGEATTVGGLAYGYESPEGIKANIDAHLAPALIGLA
ADNINAAMLKLDKLAKGNTFAKSGIESALLDAQGKRLGLPVSELLGGRVRDSLEVAWTLASGDTARDIAEARHMLEIRRH
RVFKLKIGANPVEQDLKHVVTIKRELGDSASVRVDVNQYWDESQAIRACQVLGDNGIDLIEQPISRINRGGQVRLNQRTP
APIMADESIESVEDAFSLAADGAASIFALKIAKNGGPRAVLRTAQIAEAAGIGLYGGTMLEGSIGTLASAHAFLTLRQLT
WGTELFGPLLLTEEIVNEPPQYRDFQLHIPRTPGLGLTLDEQRLARFAR
;
_entity_poly.pdbx_strand_id   A,B
#
loop_
_chem_comp.id
_chem_comp.type
_chem_comp.name
_chem_comp.formula
MN non-polymer 'MANGANESE (II) ION' 'Mn 2'
#
# COMPACT_ATOMS: atom_id res chain seq x y z
N ALA A 1 -20.70 26.77 2.41
CA ALA A 1 -20.18 26.10 1.18
C ALA A 1 -20.00 24.62 1.41
N LEU A 2 -20.63 23.82 0.54
CA LEU A 2 -20.56 22.37 0.60
C LEU A 2 -19.89 21.86 -0.66
N ILE A 3 -19.40 20.63 -0.60
CA ILE A 3 -18.76 19.99 -1.73
C ILE A 3 -19.89 19.41 -2.56
N GLU A 4 -19.98 19.81 -3.83
CA GLU A 4 -21.03 19.31 -4.72
C GLU A 4 -20.60 18.24 -5.71
N ARG A 5 -19.43 18.41 -6.30
CA ARG A 5 -18.95 17.46 -7.28
C ARG A 5 -17.45 17.40 -7.27
N ILE A 6 -16.90 16.22 -7.54
CA ILE A 6 -15.47 16.02 -7.60
C ILE A 6 -15.24 15.23 -8.89
N ASP A 7 -14.38 15.74 -9.77
CA ASP A 7 -14.07 15.06 -11.02
C ASP A 7 -12.60 14.69 -11.03
N ALA A 8 -12.29 13.44 -11.38
CA ALA A 8 -10.91 12.97 -11.50
C ALA A 8 -10.67 12.72 -12.98
N ILE A 9 -9.76 13.48 -13.57
CA ILE A 9 -9.46 13.39 -15.00
C ILE A 9 -8.05 12.94 -15.26
N ILE A 10 -7.90 11.89 -16.06
CA ILE A 10 -6.57 11.40 -16.42
C ILE A 10 -6.11 12.19 -17.65
N VAL A 11 -4.92 12.77 -17.54
CA VAL A 11 -4.38 13.60 -18.61
C VAL A 11 -2.97 13.09 -18.94
N ASP A 12 -2.70 12.89 -20.22
CA ASP A 12 -1.38 12.45 -20.68
C ASP A 12 -0.71 13.65 -21.36
N LEU A 13 0.40 14.11 -20.79
CA LEU A 13 1.12 15.25 -21.35
C LEU A 13 2.45 14.82 -21.93
N PRO A 14 2.90 15.50 -22.99
CA PRO A 14 4.19 15.14 -23.60
C PRO A 14 5.36 15.79 -22.85
N THR A 15 6.47 15.06 -22.76
CA THR A 15 7.65 15.54 -22.07
C THR A 15 8.79 15.88 -23.02
N ILE A 16 9.85 16.51 -22.50
CA ILE A 16 11.01 16.89 -23.31
C ILE A 16 11.92 15.70 -23.61
N ARG A 17 11.76 14.63 -22.83
CA ARG A 17 12.55 13.41 -22.98
C ARG A 17 12.04 12.56 -24.15
N GLN A 27 7.91 10.44 -25.23
CA GLN A 27 7.43 9.84 -23.99
C GLN A 27 6.40 10.78 -23.34
N GLN A 28 5.53 10.22 -22.50
CA GLN A 28 4.48 10.99 -21.82
C GLN A 28 4.50 10.86 -20.30
N GLN A 29 3.75 11.74 -19.64
CA GLN A 29 3.59 11.74 -18.19
C GLN A 29 2.08 11.83 -17.97
N THR A 30 1.56 10.93 -17.14
CA THR A 30 0.13 10.89 -16.85
C THR A 30 -0.20 11.51 -15.50
N LEU A 31 -1.13 12.46 -15.54
CA LEU A 31 -1.59 13.18 -14.35
C LEU A 31 -3.05 12.85 -14.08
N VAL A 32 -3.46 12.94 -12.82
CA VAL A 32 -4.87 12.76 -12.49
C VAL A 32 -5.21 14.11 -11.90
N VAL A 33 -5.95 14.90 -12.68
CA VAL A 33 -6.36 16.23 -12.27
C VAL A 33 -7.70 16.17 -11.53
N LEU A 34 -7.74 16.76 -10.34
CA LEU A 34 -8.99 16.78 -9.60
C LEU A 34 -9.63 18.15 -9.62
N ARG A 35 -10.95 18.18 -9.79
CA ARG A 35 -11.71 19.44 -9.80
C ARG A 35 -12.79 19.28 -8.77
N VAL A 36 -12.74 20.08 -7.72
CA VAL A 36 -13.76 20.03 -6.69
C VAL A 36 -14.60 21.30 -6.77
N ARG A 37 -15.88 21.16 -7.10
CA ARG A 37 -16.79 22.30 -7.18
C ARG A 37 -17.61 22.45 -5.89
N CYS A 38 -17.61 23.65 -5.34
CA CYS A 38 -18.35 23.94 -4.11
C CYS A 38 -19.62 24.76 -4.36
N SER A 39 -20.58 24.65 -3.45
CA SER A 39 -21.85 25.34 -3.60
C SER A 39 -21.77 26.86 -3.67
N ASP A 40 -20.65 27.44 -3.25
CA ASP A 40 -20.51 28.89 -3.33
C ASP A 40 -19.88 29.32 -4.64
N GLY A 41 -19.83 28.39 -5.59
CA GLY A 41 -19.26 28.67 -6.88
C GLY A 41 -17.75 28.58 -7.00
N VAL A 42 -17.07 28.40 -5.87
CA VAL A 42 -15.61 28.27 -5.90
C VAL A 42 -15.19 26.87 -6.31
N GLU A 43 -14.15 26.78 -7.12
CA GLU A 43 -13.64 25.50 -7.57
C GLU A 43 -12.18 25.37 -7.14
N GLY A 44 -11.81 24.18 -6.66
CA GLY A 44 -10.44 23.91 -6.25
C GLY A 44 -9.85 22.84 -7.17
N ILE A 45 -8.58 22.97 -7.54
CA ILE A 45 -7.93 21.98 -8.39
C ILE A 45 -6.78 21.30 -7.66
N GLY A 46 -6.64 20.00 -7.87
CA GLY A 46 -5.59 19.23 -7.22
C GLY A 46 -4.92 18.28 -8.20
N GLU A 47 -3.86 17.61 -7.76
CA GLU A 47 -3.17 16.71 -8.65
C GLU A 47 -2.65 15.49 -7.91
N ALA A 48 -2.81 14.33 -8.52
CA ALA A 48 -2.35 13.05 -7.97
C ALA A 48 -1.58 12.40 -9.13
N THR A 49 -0.26 12.46 -9.06
CA THR A 49 0.57 11.93 -10.12
C THR A 49 1.65 11.00 -9.62
N THR A 50 2.01 10.02 -10.45
CA THR A 50 3.08 9.08 -10.11
C THR A 50 3.96 8.88 -11.32
N VAL A 51 5.00 8.06 -11.17
CA VAL A 51 5.93 7.76 -12.25
C VAL A 51 5.82 6.26 -12.60
N GLY A 52 5.67 5.97 -13.89
CA GLY A 52 5.61 4.60 -14.38
C GLY A 52 4.53 3.63 -13.94
N GLY A 53 3.28 4.09 -13.86
CA GLY A 53 2.18 3.20 -13.47
C GLY A 53 2.26 2.72 -12.03
N LEU A 54 2.71 1.48 -11.85
CA LEU A 54 2.82 0.90 -10.52
C LEU A 54 4.27 0.63 -10.12
N ALA A 55 5.21 1.11 -10.91
CA ALA A 55 6.62 0.87 -10.65
C ALA A 55 7.24 1.65 -9.50
N TYR A 56 6.66 2.79 -9.14
CA TYR A 56 7.22 3.61 -8.07
C TYR A 56 6.23 3.84 -6.92
N GLY A 57 5.17 3.03 -6.89
CA GLY A 57 4.15 3.16 -5.85
C GLY A 57 2.97 2.23 -6.02
N TYR A 58 2.12 2.15 -5.00
CA TYR A 58 0.93 1.27 -5.02
C TYR A 58 -0.17 1.75 -5.95
N GLU A 59 -0.19 3.06 -6.20
CA GLU A 59 -1.23 3.69 -6.99
C GLU A 59 -0.87 4.07 -8.41
N SER A 60 -1.74 3.65 -9.33
CA SER A 60 -1.59 3.94 -10.75
C SER A 60 -2.64 5.00 -11.07
N PRO A 61 -2.50 5.70 -12.22
CA PRO A 61 -3.48 6.72 -12.60
C PRO A 61 -4.87 6.11 -12.68
N GLU A 62 -4.94 4.89 -13.23
CA GLU A 62 -6.20 4.16 -13.39
C GLU A 62 -6.81 3.80 -12.04
N GLY A 63 -5.96 3.30 -11.13
CA GLY A 63 -6.39 2.93 -9.80
C GLY A 63 -6.86 4.14 -9.02
N ILE A 64 -6.13 5.26 -9.16
CA ILE A 64 -6.47 6.51 -8.48
C ILE A 64 -7.87 7.00 -8.87
N LYS A 65 -8.16 7.02 -10.17
CA LYS A 65 -9.46 7.48 -10.65
C LYS A 65 -10.62 6.57 -10.22
N ALA A 66 -10.42 5.25 -10.37
CA ALA A 66 -11.45 4.29 -9.99
C ALA A 66 -11.85 4.41 -8.52
N ASN A 67 -10.86 4.59 -7.65
CA ASN A 67 -11.12 4.71 -6.22
C ASN A 67 -11.75 6.03 -5.84
N ILE A 68 -11.41 7.09 -6.55
CA ILE A 68 -11.98 8.40 -6.28
C ILE A 68 -13.45 8.36 -6.68
N ASP A 69 -13.72 7.85 -7.87
CA ASP A 69 -15.10 7.78 -8.36
C ASP A 69 -15.99 6.86 -7.54
N ALA A 70 -15.46 5.70 -7.16
CA ALA A 70 -16.26 4.73 -6.43
C ALA A 70 -16.31 4.83 -4.91
N HIS A 71 -15.25 5.33 -4.28
CA HIS A 71 -15.24 5.37 -2.82
C HIS A 71 -14.99 6.71 -2.16
N LEU A 72 -13.90 7.35 -2.56
CA LEU A 72 -13.50 8.61 -1.93
C LEU A 72 -14.44 9.79 -2.15
N ALA A 73 -14.78 10.07 -3.41
CA ALA A 73 -15.67 11.18 -3.75
C ALA A 73 -17.07 11.08 -3.10
N PRO A 74 -17.76 9.93 -3.21
CA PRO A 74 -19.08 9.81 -2.61
C PRO A 74 -19.11 10.13 -1.11
N ALA A 75 -17.99 9.87 -0.43
CA ALA A 75 -17.90 10.14 1.00
C ALA A 75 -17.80 11.62 1.35
N LEU A 76 -17.46 12.45 0.36
CA LEU A 76 -17.30 13.90 0.58
C LEU A 76 -18.44 14.80 0.10
N ILE A 77 -19.20 14.32 -0.90
CA ILE A 77 -20.30 15.12 -1.42
C ILE A 77 -21.27 15.39 -0.29
N GLY A 78 -21.47 16.67 0.01
CA GLY A 78 -22.40 17.04 1.04
C GLY A 78 -21.76 17.62 2.26
N LEU A 79 -20.47 17.39 2.44
CA LEU A 79 -19.75 17.90 3.62
C LEU A 79 -19.30 19.32 3.40
N ALA A 80 -19.05 20.02 4.51
CA ALA A 80 -18.58 21.41 4.47
C ALA A 80 -17.21 21.42 3.78
N ALA A 81 -17.11 22.22 2.73
CA ALA A 81 -15.89 22.37 1.96
C ALA A 81 -14.82 23.12 2.75
N ASP A 82 -15.26 23.89 3.74
CA ASP A 82 -14.39 24.68 4.59
C ASP A 82 -13.82 23.98 5.81
N ASN A 83 -14.18 22.71 6.02
CA ASN A 83 -13.65 21.95 7.14
C ASN A 83 -12.79 20.84 6.54
N ILE A 84 -11.56 21.19 6.19
CA ILE A 84 -10.63 20.26 5.57
C ILE A 84 -10.21 19.11 6.48
N ASN A 85 -10.00 19.40 7.75
CA ASN A 85 -9.61 18.40 8.74
C ASN A 85 -10.68 17.28 8.84
N ALA A 86 -11.94 17.69 9.00
CA ALA A 86 -13.04 16.74 9.12
C ALA A 86 -13.15 15.87 7.88
N ALA A 87 -12.95 16.47 6.71
CA ALA A 87 -13.03 15.76 5.43
C ALA A 87 -11.91 14.74 5.27
N MET A 88 -10.69 15.13 5.61
CA MET A 88 -9.54 14.26 5.46
C MET A 88 -9.52 13.14 6.49
N LEU A 89 -10.02 13.42 7.69
CA LEU A 89 -10.09 12.41 8.73
C LEU A 89 -11.14 11.36 8.35
N LYS A 90 -12.21 11.80 7.71
CA LYS A 90 -13.26 10.91 7.27
C LYS A 90 -12.68 9.92 6.28
N LEU A 91 -11.88 10.40 5.33
CA LEU A 91 -11.25 9.56 4.33
C LEU A 91 -10.31 8.50 4.94
N ASP A 92 -9.65 8.86 6.05
CA ASP A 92 -8.74 7.95 6.73
C ASP A 92 -9.48 6.83 7.41
N LYS A 93 -10.74 7.11 7.75
CA LYS A 93 -11.62 6.16 8.41
C LYS A 93 -12.20 5.14 7.43
N LEU A 94 -12.41 5.54 6.17
CA LEU A 94 -12.93 4.59 5.20
C LEU A 94 -11.87 4.00 4.30
N ALA A 95 -10.73 4.66 4.19
CA ALA A 95 -9.71 4.17 3.29
C ALA A 95 -8.34 4.07 3.87
N LYS A 96 -7.77 2.86 3.75
CA LYS A 96 -6.43 2.58 4.23
C LYS A 96 -5.52 3.01 3.08
N GLY A 97 -4.43 3.68 3.41
CA GLY A 97 -3.49 4.12 2.39
C GLY A 97 -4.11 5.08 1.39
N ASN A 98 -3.90 4.85 0.09
CA ASN A 98 -4.43 5.70 -0.97
C ASN A 98 -4.03 7.16 -0.79
N THR A 99 -2.77 7.35 -0.43
CA THR A 99 -2.16 8.65 -0.16
C THR A 99 -2.07 9.61 -1.35
N PHE A 100 -1.83 9.07 -2.56
CA PHE A 100 -1.73 9.89 -3.77
C PHE A 100 -3.10 10.52 -4.02
N ALA A 101 -4.13 9.68 -3.96
CA ALA A 101 -5.51 10.12 -4.18
C ALA A 101 -5.91 11.15 -3.12
N LYS A 102 -5.53 10.87 -1.87
CA LYS A 102 -5.84 11.76 -0.76
C LYS A 102 -5.14 13.10 -0.96
N SER A 103 -3.92 13.04 -1.48
CA SER A 103 -3.09 14.22 -1.73
C SER A 103 -3.73 15.16 -2.76
N GLY A 104 -4.31 14.58 -3.80
CA GLY A 104 -4.95 15.38 -4.82
C GLY A 104 -6.19 16.04 -4.25
N ILE A 105 -6.97 15.25 -3.50
CA ILE A 105 -8.18 15.76 -2.88
C ILE A 105 -7.90 16.92 -1.90
N GLU A 106 -6.92 16.74 -1.01
CA GLU A 106 -6.57 17.77 -0.04
C GLU A 106 -6.05 19.02 -0.72
N SER A 107 -5.26 18.84 -1.78
CA SER A 107 -4.71 19.97 -2.53
C SER A 107 -5.83 20.81 -3.11
N ALA A 108 -6.87 20.14 -3.61
CA ALA A 108 -8.03 20.81 -4.20
C ALA A 108 -8.86 21.54 -3.16
N LEU A 109 -9.09 20.91 -2.00
CA LEU A 109 -9.85 21.55 -0.93
C LEU A 109 -9.11 22.79 -0.43
N LEU A 110 -7.77 22.69 -0.35
CA LEU A 110 -6.95 23.80 0.12
C LEU A 110 -6.97 24.95 -0.88
N ASP A 111 -6.98 24.62 -2.16
CA ASP A 111 -7.02 25.61 -3.24
C ASP A 111 -8.34 26.38 -3.17
N ALA A 112 -9.45 25.65 -3.09
CA ALA A 112 -10.79 26.24 -3.00
C ALA A 112 -10.91 27.14 -1.78
N GLN A 113 -10.42 26.65 -0.64
CA GLN A 113 -10.48 27.41 0.62
C GLN A 113 -9.60 28.68 0.58
N GLY A 114 -8.52 28.62 -0.19
CA GLY A 114 -7.63 29.76 -0.33
C GLY A 114 -8.28 30.85 -1.16
N LYS A 115 -8.98 30.45 -2.22
CA LYS A 115 -9.70 31.36 -3.13
C LYS A 115 -10.88 31.98 -2.39
N ARG A 116 -11.51 31.18 -1.55
CA ARG A 116 -12.66 31.57 -0.75
C ARG A 116 -12.31 32.67 0.26
N LEU A 117 -11.18 32.49 0.96
CA LEU A 117 -10.72 33.45 1.96
C LEU A 117 -9.77 34.50 1.40
N GLY A 118 -9.38 34.35 0.15
CA GLY A 118 -8.46 35.26 -0.49
C GLY A 118 -7.01 35.15 -0.05
N LEU A 119 -6.61 33.98 0.46
CA LEU A 119 -5.26 33.74 0.94
C LEU A 119 -4.56 32.63 0.18
N PRO A 120 -3.22 32.70 0.08
CA PRO A 120 -2.43 31.67 -0.60
C PRO A 120 -2.46 30.45 0.33
N VAL A 121 -2.37 29.25 -0.22
CA VAL A 121 -2.41 28.03 0.60
C VAL A 121 -1.34 28.02 1.70
N SER A 122 -0.19 28.63 1.42
CA SER A 122 0.90 28.69 2.39
C SER A 122 0.47 29.44 3.65
N GLU A 123 -0.39 30.45 3.46
CA GLU A 123 -0.90 31.22 4.59
C GLU A 123 -1.96 30.44 5.34
N LEU A 124 -2.72 29.63 4.63
CA LEU A 124 -3.73 28.77 5.28
C LEU A 124 -2.96 27.79 6.14
N LEU A 125 -1.79 27.40 5.66
CA LEU A 125 -0.98 26.43 6.39
C LEU A 125 -0.16 27.07 7.50
N GLY A 126 -0.39 28.35 7.76
CA GLY A 126 0.32 29.02 8.83
C GLY A 126 1.09 30.28 8.51
N GLY A 127 1.66 30.33 7.32
CA GLY A 127 2.41 31.51 6.94
C GLY A 127 3.76 31.12 6.39
N ARG A 128 4.13 31.72 5.27
CA ARG A 128 5.40 31.42 4.63
C ARG A 128 6.54 32.18 5.30
N VAL A 129 7.72 31.58 5.27
CA VAL A 129 8.91 32.22 5.82
C VAL A 129 9.84 32.58 4.67
N ARG A 130 9.43 32.23 3.45
CA ARG A 130 10.21 32.55 2.26
C ARG A 130 9.28 32.59 1.08
N ASP A 131 9.75 33.12 -0.06
CA ASP A 131 8.95 33.22 -1.28
C ASP A 131 9.48 32.39 -2.44
N SER A 132 10.63 31.77 -2.25
CA SER A 132 11.23 30.96 -3.29
C SER A 132 11.94 29.73 -2.71
N LEU A 133 12.12 28.72 -3.53
CA LEU A 133 12.75 27.49 -3.08
C LEU A 133 13.82 27.08 -4.08
N GLU A 134 14.96 26.62 -3.56
CA GLU A 134 16.09 26.18 -4.39
C GLU A 134 15.63 24.92 -5.10
N VAL A 135 15.95 24.80 -6.39
CA VAL A 135 15.55 23.62 -7.16
C VAL A 135 16.72 22.87 -7.81
N ALA A 136 16.81 21.58 -7.53
CA ALA A 136 17.84 20.70 -8.07
C ALA A 136 17.39 20.18 -9.43
N TRP A 137 18.34 19.68 -10.22
CA TRP A 137 18.03 19.19 -11.54
C TRP A 137 18.62 17.81 -11.74
N THR A 138 17.82 16.90 -12.29
CA THR A 138 18.26 15.54 -12.56
C THR A 138 18.91 15.45 -13.95
N LEU A 139 20.19 15.05 -13.99
CA LEU A 139 20.91 14.88 -15.25
C LEU A 139 20.59 13.44 -15.63
N ALA A 140 19.78 13.26 -16.68
CA ALA A 140 19.35 11.92 -17.08
C ALA A 140 19.68 11.40 -18.48
N SER A 141 20.62 12.02 -19.18
CA SER A 141 20.95 11.58 -20.54
C SER A 141 21.64 10.21 -20.65
N GLY A 142 22.22 9.75 -19.54
CA GLY A 142 22.91 8.47 -19.57
C GLY A 142 24.37 8.60 -20.01
N ASP A 143 24.64 9.64 -20.79
CA ASP A 143 25.99 9.90 -21.29
C ASP A 143 26.67 10.94 -20.39
N THR A 144 27.82 10.56 -19.86
CA THR A 144 28.62 11.41 -18.96
C THR A 144 28.99 12.75 -19.57
N ALA A 145 29.44 12.73 -20.82
CA ALA A 145 29.84 13.95 -21.52
C ALA A 145 28.66 14.90 -21.71
N ARG A 146 27.50 14.34 -22.04
CA ARG A 146 26.27 15.10 -22.24
C ARG A 146 25.77 15.67 -20.92
N ASP A 147 25.86 14.88 -19.86
CA ASP A 147 25.43 15.30 -18.55
C ASP A 147 26.24 16.51 -18.08
N ILE A 148 27.55 16.45 -18.25
CA ILE A 148 28.42 17.55 -17.82
C ILE A 148 28.07 18.82 -18.60
N ALA A 149 27.75 18.64 -19.88
CA ALA A 149 27.38 19.74 -20.76
C ALA A 149 26.05 20.38 -20.34
N GLU A 150 25.06 19.55 -20.01
CA GLU A 150 23.76 20.02 -19.58
C GLU A 150 23.90 20.77 -18.27
N ALA A 151 24.79 20.27 -17.42
CA ALA A 151 25.05 20.87 -16.13
C ALA A 151 25.73 22.24 -16.28
N ARG A 152 26.69 22.34 -17.20
CA ARG A 152 27.40 23.60 -17.43
C ARG A 152 26.42 24.65 -17.93
N HIS A 153 25.48 24.20 -18.77
CA HIS A 153 24.45 25.06 -19.33
C HIS A 153 23.51 25.62 -18.26
N MET A 154 22.98 24.74 -17.42
CA MET A 154 22.06 25.12 -16.36
C MET A 154 22.71 26.09 -15.38
N LEU A 155 24.01 25.96 -15.21
CA LEU A 155 24.74 26.86 -14.32
C LEU A 155 24.87 28.21 -15.03
N GLU A 156 25.16 28.17 -16.33
CA GLU A 156 25.33 29.36 -17.15
C GLU A 156 24.10 30.26 -17.16
N ILE A 157 22.94 29.67 -17.42
CA ILE A 157 21.69 30.44 -17.43
C ILE A 157 21.12 30.63 -16.04
N ARG A 158 21.90 30.27 -15.01
CA ARG A 158 21.52 30.42 -13.60
C ARG A 158 20.20 29.74 -13.19
N ARG A 159 19.92 28.59 -13.80
CA ARG A 159 18.72 27.86 -13.48
C ARG A 159 18.93 26.82 -12.40
N HIS A 160 20.05 26.10 -12.44
CA HIS A 160 20.34 25.08 -11.41
C HIS A 160 21.81 25.04 -11.05
N ARG A 161 22.10 24.75 -9.79
CA ARG A 161 23.49 24.63 -9.32
C ARG A 161 23.60 23.39 -8.45
N VAL A 162 22.51 22.63 -8.38
CA VAL A 162 22.44 21.38 -7.61
C VAL A 162 21.97 20.35 -8.61
N PHE A 163 22.71 19.25 -8.72
CA PHE A 163 22.41 18.20 -9.68
C PHE A 163 22.26 16.83 -9.06
N LYS A 164 21.26 16.11 -9.56
CA LYS A 164 20.94 14.80 -9.07
C LYS A 164 21.14 13.75 -10.15
N LEU A 165 21.77 12.64 -9.79
CA LEU A 165 22.02 11.57 -10.74
C LEU A 165 21.31 10.31 -10.28
N LYS A 166 20.57 9.71 -11.20
CA LYS A 166 19.84 8.47 -10.95
C LYS A 166 20.76 7.32 -11.35
N ILE A 167 21.14 6.50 -10.38
CA ILE A 167 22.01 5.37 -10.66
C ILE A 167 21.41 4.08 -10.11
N GLY A 168 22.12 2.97 -10.30
CA GLY A 168 21.64 1.69 -9.82
C GLY A 168 21.17 0.67 -10.84
N ALA A 169 20.98 1.09 -12.08
CA ALA A 169 20.52 0.19 -13.14
C ALA A 169 21.67 -0.49 -13.92
N ASN A 170 22.88 0.02 -13.73
CA ASN A 170 24.05 -0.53 -14.41
C ASN A 170 24.98 -1.12 -13.38
N PRO A 171 26.06 -1.78 -13.82
CA PRO A 171 27.00 -2.35 -12.83
C PRO A 171 27.53 -1.24 -11.93
N VAL A 172 27.56 -1.53 -10.64
CA VAL A 172 28.00 -0.59 -9.63
C VAL A 172 29.19 0.25 -10.04
N GLU A 173 30.26 -0.43 -10.47
CA GLU A 173 31.48 0.26 -10.87
C GLU A 173 31.36 1.18 -12.08
N GLN A 174 30.38 0.91 -12.93
CA GLN A 174 30.12 1.74 -14.11
C GLN A 174 29.43 3.04 -13.69
N ASP A 175 28.47 2.92 -12.77
CA ASP A 175 27.73 4.07 -12.24
C ASP A 175 28.62 4.97 -11.38
N LEU A 176 29.54 4.36 -10.63
CA LEU A 176 30.47 5.10 -9.78
C LEU A 176 31.41 5.94 -10.61
N LYS A 177 31.88 5.38 -11.73
CA LYS A 177 32.79 6.09 -12.63
C LYS A 177 32.07 7.29 -13.20
N HIS A 178 30.85 7.07 -13.63
CA HIS A 178 30.01 8.11 -14.20
C HIS A 178 29.85 9.28 -13.23
N VAL A 179 29.40 8.97 -12.01
CA VAL A 179 29.17 9.99 -10.98
C VAL A 179 30.40 10.75 -10.53
N VAL A 180 31.51 10.04 -10.37
CA VAL A 180 32.77 10.63 -9.94
C VAL A 180 33.34 11.56 -11.00
N THR A 181 33.15 11.20 -12.27
CA THR A 181 33.63 12.02 -13.38
C THR A 181 32.90 13.34 -13.44
N ILE A 182 31.59 13.31 -13.24
CA ILE A 182 30.76 14.51 -13.26
C ILE A 182 31.12 15.45 -12.10
N LYS A 183 31.37 14.93 -10.91
CA LYS A 183 31.73 15.77 -9.78
C LYS A 183 33.13 16.31 -9.95
N ARG A 184 33.99 15.53 -10.59
CA ARG A 184 35.36 15.90 -10.84
C ARG A 184 35.46 17.09 -11.79
N GLU A 185 34.66 17.06 -12.86
CA GLU A 185 34.65 18.13 -13.87
C GLU A 185 33.92 19.41 -13.48
N LEU A 186 32.88 19.30 -12.65
CA LEU A 186 32.13 20.47 -12.19
C LEU A 186 32.82 21.13 -10.99
N GLY A 187 33.44 20.30 -10.15
CA GLY A 187 34.14 20.80 -8.99
C GLY A 187 33.25 21.44 -7.95
N ASP A 188 33.72 22.54 -7.39
CA ASP A 188 32.97 23.25 -6.34
C ASP A 188 31.88 24.17 -6.88
N SER A 189 31.68 24.16 -8.19
CA SER A 189 30.66 25.02 -8.77
C SER A 189 29.24 24.46 -8.62
N ALA A 190 29.14 23.15 -8.44
CA ALA A 190 27.84 22.52 -8.29
C ALA A 190 27.84 21.50 -7.17
N SER A 191 26.64 21.20 -6.68
CA SER A 191 26.44 20.20 -5.64
C SER A 191 25.98 18.99 -6.44
N VAL A 192 26.62 17.85 -6.20
CA VAL A 192 26.27 16.63 -6.91
C VAL A 192 25.75 15.62 -5.90
N ARG A 193 24.58 15.06 -6.20
CA ARG A 193 23.92 14.06 -5.34
C ARG A 193 23.44 12.87 -6.16
N VAL A 194 23.22 11.73 -5.50
CA VAL A 194 22.76 10.56 -6.22
C VAL A 194 21.49 10.04 -5.62
N ASP A 195 20.80 9.24 -6.40
CA ASP A 195 19.57 8.60 -6.01
C ASP A 195 19.64 7.22 -6.62
N VAL A 196 19.68 6.21 -5.76
CA VAL A 196 19.79 4.82 -6.20
C VAL A 196 18.44 4.07 -6.32
N ASN A 197 17.37 4.72 -5.91
CA ASN A 197 16.02 4.18 -6.02
C ASN A 197 15.87 2.74 -5.55
N GLN A 198 16.44 2.42 -4.41
CA GLN A 198 16.37 1.07 -3.83
C GLN A 198 17.07 -0.03 -4.63
N TYR A 199 17.85 0.34 -5.65
CA TYR A 199 18.48 -0.67 -6.49
C TYR A 199 19.64 -1.53 -5.96
N TRP A 200 20.30 -1.08 -4.90
CA TRP A 200 21.42 -1.87 -4.39
C TRP A 200 21.01 -2.70 -3.18
N ASP A 201 21.75 -3.78 -2.91
CA ASP A 201 21.50 -4.48 -1.66
C ASP A 201 22.59 -3.91 -0.74
N GLU A 202 22.50 -4.15 0.56
CA GLU A 202 23.48 -3.64 1.51
C GLU A 202 24.94 -4.00 1.20
N SER A 203 25.18 -5.19 0.67
CA SER A 203 26.53 -5.62 0.35
C SER A 203 27.19 -4.79 -0.75
N GLN A 204 26.38 -4.31 -1.71
CA GLN A 204 26.87 -3.45 -2.80
C GLN A 204 27.05 -2.02 -2.31
N ALA A 205 26.13 -1.57 -1.47
CA ALA A 205 26.15 -0.20 -0.94
C ALA A 205 27.33 0.11 -0.04
N ILE A 206 27.82 -0.87 0.70
CA ILE A 206 28.96 -0.68 1.62
C ILE A 206 30.15 0.03 1.00
N ARG A 207 30.63 -0.52 -0.12
CA ARG A 207 31.78 0.05 -0.84
C ARG A 207 31.38 1.26 -1.68
N ALA A 208 30.21 1.19 -2.31
CA ALA A 208 29.71 2.25 -3.16
C ALA A 208 29.51 3.57 -2.41
N CYS A 209 28.99 3.50 -1.19
CA CYS A 209 28.77 4.70 -0.37
C CYS A 209 30.08 5.35 0.06
N GLN A 210 31.10 4.53 0.25
CA GLN A 210 32.42 4.98 0.65
C GLN A 210 33.09 5.74 -0.49
N VAL A 211 33.06 5.16 -1.69
CA VAL A 211 33.65 5.76 -2.89
C VAL A 211 32.98 7.10 -3.23
N LEU A 212 31.64 7.10 -3.18
CA LEU A 212 30.88 8.31 -3.47
C LEU A 212 31.17 9.38 -2.45
N GLY A 213 31.17 9.00 -1.18
CA GLY A 213 31.44 9.93 -0.10
C GLY A 213 32.83 10.51 -0.17
N ASP A 214 33.80 9.68 -0.54
CA ASP A 214 35.19 10.13 -0.65
C ASP A 214 35.44 11.01 -1.83
N ASN A 215 34.54 10.97 -2.80
CA ASN A 215 34.72 11.75 -4.00
C ASN A 215 33.82 12.96 -4.13
N GLY A 216 33.41 13.49 -2.99
CA GLY A 216 32.60 14.69 -2.97
C GLY A 216 31.11 14.66 -3.23
N ILE A 217 30.50 13.48 -3.20
CA ILE A 217 29.05 13.45 -3.42
C ILE A 217 28.41 13.90 -2.10
N ASP A 218 27.54 14.90 -2.16
CA ASP A 218 26.90 15.45 -0.96
C ASP A 218 25.94 14.59 -0.18
N LEU A 219 25.18 13.75 -0.87
CA LEU A 219 24.26 12.88 -0.17
C LEU A 219 23.89 11.71 -1.05
N ILE A 220 23.49 10.62 -0.40
CA ILE A 220 23.11 9.42 -1.11
C ILE A 220 21.64 9.13 -0.77
N GLU A 221 20.78 9.25 -1.77
CA GLU A 221 19.36 9.03 -1.57
C GLU A 221 18.92 7.57 -1.78
N GLN A 222 18.20 7.06 -0.79
CA GLN A 222 17.67 5.69 -0.79
C GLN A 222 18.52 4.64 -1.49
N PRO A 223 19.74 4.37 -0.99
CA PRO A 223 20.62 3.37 -1.61
C PRO A 223 20.08 1.94 -1.62
N ILE A 224 19.45 1.53 -0.53
CA ILE A 224 18.93 0.18 -0.45
C ILE A 224 17.43 0.18 -0.20
N SER A 225 16.81 -0.98 -0.37
CA SER A 225 15.38 -1.17 -0.21
C SER A 225 14.84 -0.87 1.18
N ARG A 226 13.61 -0.39 1.22
CA ARG A 226 12.92 -0.07 2.46
C ARG A 226 12.70 -1.30 3.35
N ILE A 227 12.79 -2.49 2.77
CA ILE A 227 12.59 -3.71 3.55
C ILE A 227 13.76 -3.99 4.48
N ASN A 228 14.93 -3.44 4.16
CA ASN A 228 16.12 -3.65 4.96
C ASN A 228 16.27 -2.53 5.93
N ARG A 229 15.57 -2.61 7.06
CA ARG A 229 15.65 -1.56 8.06
C ARG A 229 17.00 -1.46 8.74
N GLY A 230 17.52 -2.61 9.18
CA GLY A 230 18.80 -2.65 9.86
C GLY A 230 19.92 -2.11 9.00
N GLY A 231 19.83 -2.42 7.72
CA GLY A 231 20.81 -2.00 6.75
C GLY A 231 20.83 -0.50 6.63
N GLN A 232 19.65 0.13 6.74
CA GLN A 232 19.54 1.59 6.67
C GLN A 232 20.17 2.22 7.91
N VAL A 233 19.93 1.60 9.06
CA VAL A 233 20.51 2.05 10.32
C VAL A 233 22.03 1.91 10.25
N ARG A 234 22.52 0.77 9.74
CA ARG A 234 23.97 0.57 9.64
C ARG A 234 24.62 1.55 8.67
N LEU A 235 24.02 1.75 7.50
CA LEU A 235 24.55 2.70 6.51
C LEU A 235 24.51 4.13 7.01
N ASN A 236 23.53 4.46 7.85
CA ASN A 236 23.38 5.80 8.39
C ASN A 236 24.53 6.12 9.34
N GLN A 237 25.09 5.08 9.95
CA GLN A 237 26.21 5.24 10.88
C GLN A 237 27.58 5.15 10.23
N ARG A 238 27.70 4.47 9.09
CA ARG A 238 29.00 4.29 8.43
C ARG A 238 29.34 5.06 7.14
N THR A 239 28.33 5.44 6.36
CA THR A 239 28.58 6.15 5.10
C THR A 239 29.17 7.55 5.31
N PRO A 240 30.24 7.90 4.57
CA PRO A 240 30.89 9.22 4.68
C PRO A 240 29.96 10.36 4.27
N ALA A 241 29.02 10.04 3.39
CA ALA A 241 28.05 11.03 2.91
C ALA A 241 26.73 10.62 3.56
N PRO A 242 25.90 11.60 3.96
CA PRO A 242 24.62 11.37 4.61
C PRO A 242 23.62 10.60 3.74
N ILE A 243 22.78 9.82 4.41
CA ILE A 243 21.74 8.97 3.82
C ILE A 243 20.37 9.66 3.92
N MET A 244 19.67 9.73 2.79
CA MET A 244 18.35 10.32 2.74
C MET A 244 17.32 9.23 2.47
N ALA A 245 16.23 9.27 3.23
CA ALA A 245 15.17 8.29 3.03
C ALA A 245 14.09 8.89 2.13
N ASP A 246 13.59 8.08 1.20
CA ASP A 246 12.51 8.49 0.31
C ASP A 246 11.44 7.40 0.26
N GLU A 247 11.72 6.30 -0.43
CA GLU A 247 10.76 5.19 -0.53
C GLU A 247 10.42 4.55 0.80
N SER A 248 11.30 4.70 1.79
CA SER A 248 11.04 4.15 3.11
C SER A 248 9.89 4.88 3.79
N ILE A 249 9.57 6.08 3.33
CA ILE A 249 8.47 6.83 3.88
C ILE A 249 7.29 6.64 2.94
N GLU A 250 6.29 5.89 3.38
CA GLU A 250 5.07 5.71 2.60
C GLU A 250 3.88 6.14 3.45
N SER A 251 4.19 6.86 4.53
CA SER A 251 3.18 7.36 5.45
C SER A 251 3.88 8.18 6.51
N VAL A 252 3.11 8.93 7.27
CA VAL A 252 3.65 9.77 8.33
C VAL A 252 4.21 8.88 9.43
N GLU A 253 3.55 7.74 9.67
CA GLU A 253 3.97 6.82 10.72
C GLU A 253 5.31 6.16 10.42
N ASP A 254 5.63 6.01 9.14
CA ASP A 254 6.91 5.44 8.71
C ASP A 254 8.02 6.41 9.10
N ALA A 255 7.73 7.71 8.96
CA ALA A 255 8.67 8.77 9.28
C ALA A 255 9.04 8.71 10.76
N PHE A 256 8.04 8.50 11.62
CA PHE A 256 8.29 8.40 13.04
C PHE A 256 9.23 7.20 13.31
N SER A 257 8.85 6.06 12.74
CA SER A 257 9.60 4.80 12.86
C SER A 257 11.07 4.97 12.47
N LEU A 258 11.33 5.52 11.29
CA LEU A 258 12.70 5.76 10.79
C LEU A 258 13.45 6.73 11.68
N ALA A 259 12.74 7.71 12.24
CA ALA A 259 13.34 8.71 13.12
C ALA A 259 13.75 8.04 14.42
N ALA A 260 12.83 7.26 14.98
CA ALA A 260 13.06 6.58 16.23
C ALA A 260 14.21 5.58 16.08
N ASP A 261 14.34 5.01 14.89
CA ASP A 261 15.39 4.04 14.62
C ASP A 261 16.74 4.62 14.26
N GLY A 262 16.75 5.84 13.76
CA GLY A 262 17.98 6.46 13.33
C GLY A 262 18.37 5.84 11.99
N ALA A 263 17.39 5.66 11.10
CA ALA A 263 17.62 5.05 9.80
C ALA A 263 18.07 6.01 8.70
N ALA A 264 18.01 7.32 8.95
CA ALA A 264 18.42 8.31 7.95
C ALA A 264 18.60 9.65 8.62
N SER A 265 19.51 10.47 8.10
CA SER A 265 19.74 11.79 8.67
C SER A 265 19.01 12.85 7.89
N ILE A 266 18.39 12.46 6.78
CA ILE A 266 17.62 13.37 5.93
C ILE A 266 16.37 12.64 5.46
N PHE A 267 15.24 13.35 5.41
CA PHE A 267 13.97 12.80 4.91
C PHE A 267 13.54 13.54 3.67
N ALA A 268 13.09 12.82 2.66
CA ALA A 268 12.57 13.49 1.47
C ALA A 268 11.09 13.68 1.80
N LEU A 269 10.57 14.87 1.52
CA LEU A 269 9.16 15.14 1.79
C LEU A 269 8.36 15.14 0.50
N LYS A 270 7.40 14.23 0.38
CA LYS A 270 6.56 14.18 -0.80
C LYS A 270 5.10 14.17 -0.38
N ILE A 271 4.32 15.10 -0.91
CA ILE A 271 2.89 15.18 -0.55
C ILE A 271 2.13 13.90 -0.94
N ALA A 272 2.50 13.32 -2.08
CA ALA A 272 1.86 12.11 -2.59
C ALA A 272 2.08 10.89 -1.70
N LYS A 273 3.27 10.80 -1.10
CA LYS A 273 3.65 9.67 -0.24
C LYS A 273 3.12 9.80 1.18
N ASN A 274 2.66 10.99 1.54
CA ASN A 274 2.16 11.21 2.88
C ASN A 274 0.68 11.40 2.96
N GLY A 275 0.09 11.95 1.89
CA GLY A 275 -1.35 12.18 1.89
C GLY A 275 -1.83 13.62 1.69
N GLY A 276 -0.94 14.50 1.26
CA GLY A 276 -1.33 15.87 1.01
C GLY A 276 -0.42 16.90 1.67
N PRO A 277 -0.61 18.19 1.35
CA PRO A 277 0.18 19.29 1.92
C PRO A 277 0.19 19.33 3.45
N ARG A 278 -0.96 19.12 4.10
CA ARG A 278 -1.01 19.12 5.57
C ARG A 278 -0.30 17.89 6.15
N ALA A 279 -0.45 16.75 5.48
CA ALA A 279 0.16 15.51 5.93
C ALA A 279 1.68 15.59 5.85
N VAL A 280 2.18 16.20 4.79
CA VAL A 280 3.62 16.33 4.62
C VAL A 280 4.22 17.19 5.73
N LEU A 281 3.41 18.11 6.27
CA LEU A 281 3.85 18.98 7.35
C LEU A 281 3.97 18.19 8.65
N ARG A 282 3.15 17.15 8.81
CA ARG A 282 3.23 16.31 10.02
C ARG A 282 4.57 15.56 10.00
N THR A 283 4.91 15.02 8.84
CA THR A 283 6.17 14.30 8.65
C THR A 283 7.34 15.22 8.88
N ALA A 284 7.24 16.45 8.41
CA ALA A 284 8.30 17.44 8.55
C ALA A 284 8.48 17.80 10.01
N GLN A 285 7.35 17.87 10.72
CA GLN A 285 7.37 18.21 12.15
C GLN A 285 8.05 17.13 12.97
N ILE A 286 7.79 15.88 12.62
CA ILE A 286 8.40 14.74 13.30
C ILE A 286 9.92 14.80 13.11
N ALA A 287 10.35 15.08 11.88
CA ALA A 287 11.77 15.15 11.56
C ALA A 287 12.44 16.27 12.34
N GLU A 288 11.75 17.41 12.41
CA GLU A 288 12.24 18.57 13.12
C GLU A 288 12.44 18.30 14.62
N ALA A 289 11.52 17.56 15.21
CA ALA A 289 11.57 17.22 16.63
C ALA A 289 12.70 16.23 16.92
N ALA A 290 13.16 15.54 15.88
CA ALA A 290 14.24 14.58 16.03
C ALA A 290 15.59 15.13 15.55
N GLY A 291 15.58 16.26 14.84
CA GLY A 291 16.81 16.85 14.34
C GLY A 291 17.26 16.31 12.98
N ILE A 292 16.31 15.78 12.23
CA ILE A 292 16.57 15.22 10.91
C ILE A 292 16.38 16.32 9.84
N GLY A 293 17.35 16.43 8.93
CA GLY A 293 17.31 17.43 7.87
C GLY A 293 16.25 17.17 6.84
N LEU A 294 15.79 18.23 6.17
CA LEU A 294 14.73 18.14 5.16
C LEU A 294 15.09 18.43 3.70
N TYR A 295 14.31 17.85 2.81
CA TYR A 295 14.48 18.00 1.37
C TYR A 295 13.10 17.90 0.75
N GLY A 296 12.78 18.87 -0.12
CA GLY A 296 11.49 18.89 -0.80
C GLY A 296 11.49 18.02 -2.04
N GLY A 297 10.84 16.86 -1.96
CA GLY A 297 10.80 15.93 -3.07
C GLY A 297 9.59 16.08 -3.97
N THR A 298 9.59 15.31 -5.05
CA THR A 298 8.52 15.36 -6.04
C THR A 298 8.33 13.99 -6.67
N MET A 299 7.15 13.80 -7.25
CA MET A 299 6.82 12.57 -8.00
C MET A 299 6.66 12.98 -9.48
N LEU A 300 7.38 14.02 -9.88
CA LEU A 300 7.35 14.59 -11.23
C LEU A 300 5.97 15.18 -11.60
N GLU A 301 5.37 15.87 -10.64
CA GLU A 301 4.07 16.48 -10.84
C GLU A 301 4.14 17.69 -11.76
N GLY A 302 2.99 18.05 -12.33
CA GLY A 302 2.91 19.21 -13.17
C GLY A 302 2.83 20.41 -12.24
N SER A 303 2.38 21.55 -12.74
CA SER A 303 2.31 22.74 -11.91
C SER A 303 1.37 22.71 -10.69
N ILE A 304 0.26 21.99 -10.79
CA ILE A 304 -0.69 21.93 -9.67
C ILE A 304 -0.06 21.25 -8.45
N GLY A 305 0.50 20.07 -8.68
CA GLY A 305 1.13 19.29 -7.63
C GLY A 305 2.41 19.92 -7.15
N THR A 306 3.13 20.57 -8.06
CA THR A 306 4.39 21.24 -7.71
C THR A 306 4.11 22.42 -6.77
N LEU A 307 3.11 23.23 -7.12
CA LEU A 307 2.73 24.40 -6.33
C LEU A 307 2.11 23.96 -5.00
N ALA A 308 1.36 22.86 -5.02
CA ALA A 308 0.75 22.34 -3.81
C ALA A 308 1.87 21.92 -2.83
N SER A 309 2.95 21.36 -3.37
CA SER A 309 4.10 20.96 -2.56
C SER A 309 4.81 22.20 -2.05
N ALA A 310 5.11 23.11 -2.97
CA ALA A 310 5.82 24.35 -2.68
C ALA A 310 5.20 25.19 -1.59
N HIS A 311 3.86 25.29 -1.60
CA HIS A 311 3.15 26.08 -0.60
C HIS A 311 3.33 25.54 0.81
N ALA A 312 3.54 24.25 0.92
CA ALA A 312 3.76 23.62 2.21
C ALA A 312 5.22 23.84 2.60
N PHE A 313 6.14 23.70 1.64
CA PHE A 313 7.56 23.86 1.93
C PHE A 313 7.95 25.27 2.33
N LEU A 314 7.16 26.26 1.93
CA LEU A 314 7.45 27.65 2.27
C LEU A 314 7.28 27.92 3.76
N THR A 315 6.48 27.10 4.43
CA THR A 315 6.22 27.28 5.87
C THR A 315 7.30 26.68 6.76
N LEU A 316 8.13 25.81 6.18
CA LEU A 316 9.19 25.15 6.93
C LEU A 316 10.31 26.08 7.38
N ARG A 317 10.76 25.86 8.62
CA ARG A 317 11.84 26.64 9.22
C ARG A 317 13.08 26.52 8.37
N GLN A 318 13.43 25.28 8.03
CA GLN A 318 14.62 25.04 7.24
C GLN A 318 14.55 23.78 6.39
N LEU A 319 15.05 23.89 5.15
CA LEU A 319 15.14 22.75 4.25
C LEU A 319 16.60 22.72 3.86
N THR A 320 17.41 22.10 4.71
CA THR A 320 18.84 22.02 4.53
C THR A 320 19.35 21.65 3.13
N TRP A 321 18.68 20.70 2.48
CA TRP A 321 19.12 20.21 1.19
C TRP A 321 18.32 20.68 -0.02
N GLY A 322 17.51 21.70 0.18
CA GLY A 322 16.73 22.26 -0.90
C GLY A 322 15.56 21.40 -1.35
N THR A 323 15.19 21.54 -2.62
CA THR A 323 14.08 20.78 -3.19
C THR A 323 14.42 20.33 -4.60
N GLU A 324 13.50 19.59 -5.21
CA GLU A 324 13.65 19.13 -6.58
C GLU A 324 12.33 19.34 -7.32
N LEU A 325 11.69 20.48 -7.07
CA LEU A 325 10.40 20.80 -7.68
C LEU A 325 10.59 21.33 -9.08
N PHE A 326 11.06 20.47 -9.98
CA PHE A 326 11.30 20.83 -11.37
C PHE A 326 10.38 20.12 -12.36
N GLY A 327 9.37 19.42 -11.85
CA GLY A 327 8.42 18.69 -12.67
C GLY A 327 7.84 19.42 -13.88
N PRO A 328 7.36 20.68 -13.75
CA PRO A 328 6.81 21.40 -14.90
C PRO A 328 7.82 21.60 -16.03
N LEU A 329 9.10 21.68 -15.71
CA LEU A 329 10.17 21.87 -16.71
C LEU A 329 10.37 20.68 -17.64
N LEU A 330 9.76 19.56 -17.29
CA LEU A 330 9.88 18.34 -18.08
C LEU A 330 8.73 18.19 -19.06
N LEU A 331 7.66 18.94 -18.86
CA LEU A 331 6.49 18.87 -19.71
C LEU A 331 6.56 19.91 -20.82
N THR A 332 6.23 19.52 -22.05
CA THR A 332 6.26 20.47 -23.16
C THR A 332 4.97 21.27 -23.21
N GLU A 333 3.89 20.64 -22.75
CA GLU A 333 2.57 21.26 -22.74
C GLU A 333 2.04 21.20 -21.31
N GLU A 334 1.20 22.15 -20.94
CA GLU A 334 0.65 22.21 -19.58
C GLU A 334 -0.85 22.33 -19.68
N ILE A 335 -1.52 22.16 -18.54
CA ILE A 335 -2.97 22.27 -18.51
C ILE A 335 -3.45 23.46 -17.69
N VAL A 336 -2.52 24.28 -17.23
CA VAL A 336 -2.85 25.48 -16.46
C VAL A 336 -2.40 26.66 -17.32
N ASN A 337 -2.91 27.85 -16.99
CA ASN A 337 -2.59 29.08 -17.72
C ASN A 337 -1.35 29.81 -17.27
N GLU A 338 -1.04 29.68 -15.98
CA GLU A 338 0.11 30.36 -15.35
C GLU A 338 1.38 29.51 -15.29
N PRO A 339 2.41 29.89 -16.07
CA PRO A 339 3.66 29.14 -16.06
C PRO A 339 4.47 29.48 -14.80
N PRO A 340 5.13 28.49 -14.18
CA PRO A 340 5.94 28.72 -12.96
C PRO A 340 7.20 29.51 -13.28
N GLN A 341 7.63 30.32 -12.33
CA GLN A 341 8.82 31.15 -12.49
C GLN A 341 10.10 30.53 -11.95
N TYR A 342 10.95 30.03 -12.85
CA TYR A 342 12.22 29.48 -12.45
C TYR A 342 13.21 30.57 -12.81
N ARG A 343 13.89 31.10 -11.81
CA ARG A 343 14.85 32.16 -12.01
C ARG A 343 15.85 32.13 -10.86
N ASP A 344 17.13 32.35 -11.19
CA ASP A 344 18.21 32.39 -10.22
C ASP A 344 18.29 31.22 -9.25
N PHE A 345 18.38 30.03 -9.83
CA PHE A 345 18.49 28.76 -9.11
C PHE A 345 17.26 28.39 -8.26
N GLN A 346 16.20 29.18 -8.35
CA GLN A 346 15.02 28.93 -7.52
C GLN A 346 13.69 28.99 -8.24
N LEU A 347 12.66 28.43 -7.58
CA LEU A 347 11.29 28.45 -8.07
C LEU A 347 10.63 29.55 -7.23
N HIS A 348 9.93 30.49 -7.86
CA HIS A 348 9.30 31.59 -7.13
C HIS A 348 7.80 31.41 -7.02
N ILE A 349 7.29 31.59 -5.80
CA ILE A 349 5.86 31.39 -5.54
C ILE A 349 5.16 32.71 -5.22
N PRO A 350 4.13 33.07 -6.00
CA PRO A 350 3.41 34.32 -5.77
C PRO A 350 2.48 34.29 -4.55
N ARG A 351 2.01 35.46 -4.18
CA ARG A 351 1.10 35.60 -3.04
C ARG A 351 -0.35 35.75 -3.49
N THR A 352 -0.73 35.00 -4.52
CA THR A 352 -2.08 35.00 -5.06
C THR A 352 -2.93 33.98 -4.29
N PRO A 353 -4.27 34.11 -4.30
CA PRO A 353 -5.13 33.16 -3.58
C PRO A 353 -5.02 31.72 -4.09
N GLY A 354 -5.21 30.78 -3.17
CA GLY A 354 -5.13 29.36 -3.48
C GLY A 354 -3.74 28.96 -3.92
N LEU A 355 -3.66 28.11 -4.94
CA LEU A 355 -2.40 27.65 -5.48
C LEU A 355 -1.96 28.67 -6.51
N GLY A 356 -2.83 29.63 -6.81
CA GLY A 356 -2.54 30.67 -7.78
C GLY A 356 -2.58 30.22 -9.23
N LEU A 357 -3.28 29.13 -9.49
CA LEU A 357 -3.39 28.57 -10.84
C LEU A 357 -4.84 28.41 -11.29
N THR A 358 -5.02 28.44 -12.62
CA THR A 358 -6.34 28.26 -13.24
C THR A 358 -6.13 27.33 -14.41
N LEU A 359 -7.11 26.46 -14.64
CA LEU A 359 -7.07 25.50 -15.75
C LEU A 359 -7.27 26.14 -17.12
N ASP A 360 -6.62 25.55 -18.11
CA ASP A 360 -6.74 25.97 -19.49
C ASP A 360 -7.69 24.89 -20.02
N GLU A 361 -8.97 25.23 -20.12
CA GLU A 361 -10.00 24.30 -20.55
C GLU A 361 -9.76 23.63 -21.91
N GLN A 362 -9.15 24.37 -22.83
CA GLN A 362 -8.88 23.86 -24.16
C GLN A 362 -7.78 22.82 -24.19
N ARG A 363 -6.66 23.08 -23.51
CA ARG A 363 -5.55 22.12 -23.47
C ARG A 363 -5.94 20.90 -22.65
N LEU A 364 -6.76 21.13 -21.62
CA LEU A 364 -7.24 20.05 -20.75
C LEU A 364 -8.04 19.07 -21.58
N ALA A 365 -8.99 19.58 -22.36
CA ALA A 365 -9.84 18.76 -23.23
C ALA A 365 -9.06 18.05 -24.32
N ARG A 366 -7.97 18.69 -24.73
CA ARG A 366 -7.09 18.18 -25.75
C ARG A 366 -6.21 17.02 -25.27
N PHE A 367 -5.80 17.05 -24.01
CA PHE A 367 -4.93 16.02 -23.47
C PHE A 367 -5.58 15.01 -22.56
N ALA A 368 -6.84 15.22 -22.22
CA ALA A 368 -7.58 14.29 -21.36
C ALA A 368 -7.85 13.04 -22.18
N ARG A 369 -7.61 11.87 -21.59
CA ARG A 369 -7.88 10.63 -22.30
C ARG A 369 -9.32 10.17 -22.04
N ALA B 1 2.71 -24.12 -23.57
CA ALA B 1 1.49 -23.35 -23.19
C ALA B 1 1.85 -21.93 -22.78
N LEU B 2 1.18 -20.98 -23.43
CA LEU B 2 1.38 -19.55 -23.17
C LEU B 2 0.09 -18.97 -22.63
N ILE B 3 0.19 -17.83 -21.98
CA ILE B 3 -0.96 -17.12 -21.43
C ILE B 3 -1.53 -16.31 -22.59
N GLU B 4 -2.80 -16.55 -22.92
CA GLU B 4 -3.45 -15.83 -24.02
C GLU B 4 -4.37 -14.71 -23.60
N ARG B 5 -5.15 -14.94 -22.56
CA ARG B 5 -6.09 -13.93 -22.13
C ARG B 5 -6.29 -14.01 -20.61
N ILE B 6 -6.55 -12.86 -20.01
CA ILE B 6 -6.80 -12.80 -18.57
C ILE B 6 -8.01 -11.87 -18.42
N ASP B 7 -9.08 -12.36 -17.80
CA ASP B 7 -10.28 -11.56 -17.59
C ASP B 7 -10.49 -11.36 -16.09
N ALA B 8 -10.75 -10.11 -15.69
CA ALA B 8 -11.02 -9.79 -14.29
C ALA B 8 -12.49 -9.39 -14.22
N ILE B 9 -13.28 -10.16 -13.51
CA ILE B 9 -14.70 -9.92 -13.42
C ILE B 9 -15.13 -9.59 -12.02
N ILE B 10 -15.85 -8.48 -11.86
CA ILE B 10 -16.36 -8.11 -10.55
C ILE B 10 -17.73 -8.77 -10.39
N VAL B 11 -17.89 -9.48 -9.27
CA VAL B 11 -19.11 -10.20 -9.01
C VAL B 11 -19.62 -9.82 -7.63
N ASP B 12 -20.90 -9.49 -7.53
CA ASP B 12 -21.52 -9.15 -6.24
C ASP B 12 -22.42 -10.30 -5.83
N LEU B 13 -22.09 -10.94 -4.72
CA LEU B 13 -22.88 -12.06 -4.24
C LEU B 13 -23.62 -11.71 -2.96
N PRO B 14 -24.80 -12.31 -2.73
CA PRO B 14 -25.56 -12.01 -1.52
C PRO B 14 -25.08 -12.86 -0.33
N THR B 15 -25.07 -12.26 0.86
CA THR B 15 -24.64 -12.94 2.05
C THR B 15 -25.78 -13.27 2.99
N ILE B 16 -25.53 -14.08 4.01
CA ILE B 16 -26.55 -14.48 4.99
C ILE B 16 -26.86 -13.35 6.00
N ARG B 17 -25.96 -12.37 6.07
CA ARG B 17 -26.11 -11.22 6.98
C ARG B 17 -27.08 -10.20 6.41
N GLN B 27 -27.25 -7.69 2.67
CA GLN B 27 -25.88 -7.21 2.46
C GLN B 27 -25.18 -8.10 1.41
N GLN B 28 -24.14 -7.56 0.76
CA GLN B 28 -23.41 -8.29 -0.27
C GLN B 28 -21.91 -8.39 -0.01
N GLN B 29 -21.25 -9.25 -0.78
CA GLN B 29 -19.80 -9.43 -0.72
C GLN B 29 -19.34 -9.37 -2.18
N THR B 30 -18.34 -8.55 -2.44
CA THR B 30 -17.82 -8.37 -3.78
C THR B 30 -16.52 -9.13 -4.01
N LEU B 31 -16.51 -9.95 -5.06
CA LEU B 31 -15.36 -10.76 -5.44
C LEU B 31 -14.82 -10.31 -6.78
N VAL B 32 -13.53 -10.54 -7.01
CA VAL B 32 -12.96 -10.25 -8.32
C VAL B 32 -12.50 -11.61 -8.77
N VAL B 33 -13.25 -12.19 -9.71
CA VAL B 33 -12.93 -13.50 -10.26
C VAL B 33 -11.99 -13.38 -11.46
N LEU B 34 -10.88 -14.12 -11.42
CA LEU B 34 -9.95 -14.07 -12.53
C LEU B 34 -10.02 -15.35 -13.34
N ARG B 35 -9.99 -15.19 -14.66
CA ARG B 35 -10.03 -16.33 -15.57
C ARG B 35 -8.83 -16.18 -16.48
N VAL B 36 -7.91 -17.13 -16.40
CA VAL B 36 -6.73 -17.09 -17.24
C VAL B 36 -6.84 -18.24 -18.26
N ARG B 37 -6.90 -17.89 -19.54
CA ARG B 37 -6.98 -18.89 -20.59
C ARG B 37 -5.60 -19.12 -21.22
N CYS B 38 -5.21 -20.39 -21.31
CA CYS B 38 -3.92 -20.75 -21.88
C CYS B 38 -4.06 -21.35 -23.27
N SER B 39 -2.99 -21.26 -24.06
CA SER B 39 -3.00 -21.76 -25.43
C SER B 39 -3.24 -23.25 -25.59
N ASP B 40 -3.11 -24.02 -24.51
CA ASP B 40 -3.37 -25.45 -24.60
C ASP B 40 -4.82 -25.78 -24.25
N GLY B 41 -5.65 -24.74 -24.19
CA GLY B 41 -7.05 -24.92 -23.87
C GLY B 41 -7.39 -24.98 -22.39
N VAL B 42 -6.38 -25.02 -21.53
CA VAL B 42 -6.62 -25.08 -20.09
C VAL B 42 -6.91 -23.69 -19.54
N GLU B 43 -7.87 -23.63 -18.62
CA GLU B 43 -8.24 -22.37 -18.00
C GLU B 43 -8.04 -22.47 -16.49
N GLY B 44 -7.50 -21.40 -15.89
CA GLY B 44 -7.29 -21.37 -14.45
C GLY B 44 -8.15 -20.27 -13.87
N ILE B 45 -8.72 -20.49 -12.69
CA ILE B 45 -9.55 -19.47 -12.05
C ILE B 45 -8.95 -19.05 -10.72
N GLY B 46 -9.04 -17.77 -10.41
CA GLY B 46 -8.51 -17.23 -9.18
C GLY B 46 -9.43 -16.23 -8.55
N GLU B 47 -9.11 -15.79 -7.35
CA GLU B 47 -9.95 -14.83 -6.68
C GLU B 47 -9.16 -13.80 -5.89
N ALA B 48 -9.59 -12.55 -5.97
CA ALA B 48 -8.97 -11.43 -5.26
C ALA B 48 -10.15 -10.74 -4.59
N THR B 49 -10.30 -10.94 -3.30
CA THR B 49 -11.42 -10.38 -2.56
C THR B 49 -10.99 -9.67 -1.28
N THR B 50 -11.74 -8.63 -0.91
CA THR B 50 -11.46 -7.88 0.30
C THR B 50 -12.79 -7.63 1.03
N VAL B 51 -12.70 -6.96 2.19
CA VAL B 51 -13.88 -6.63 2.98
C VAL B 51 -14.04 -5.10 3.04
N GLY B 52 -15.23 -4.61 2.72
CA GLY B 52 -15.53 -3.19 2.82
C GLY B 52 -14.82 -2.15 1.95
N GLY B 53 -14.60 -2.47 0.67
CA GLY B 53 -13.93 -1.54 -0.22
C GLY B 53 -12.47 -1.27 0.12
N LEU B 54 -12.21 -0.14 0.77
CA LEU B 54 -10.86 0.24 1.15
C LEU B 54 -10.68 0.28 2.66
N ALA B 55 -11.68 -0.19 3.41
CA ALA B 55 -11.61 -0.17 4.87
C ALA B 55 -10.66 -1.17 5.53
N TYR B 56 -10.37 -2.28 4.85
CA TYR B 56 -9.49 -3.28 5.44
C TYR B 56 -8.23 -3.54 4.61
N GLY B 57 -7.92 -2.62 3.69
CA GLY B 57 -6.77 -2.77 2.83
C GLY B 57 -6.64 -1.70 1.76
N TYR B 58 -5.48 -1.64 1.10
CA TYR B 58 -5.21 -0.66 0.04
C TYR B 58 -6.01 -0.87 -1.23
N GLU B 59 -6.40 -2.11 -1.48
CA GLU B 59 -7.10 -2.50 -2.70
C GLU B 59 -8.60 -2.71 -2.60
N SER B 60 -9.31 -2.10 -3.54
CA SER B 60 -10.76 -2.20 -3.62
C SER B 60 -11.03 -3.05 -4.85
N PRO B 61 -12.26 -3.59 -4.97
CA PRO B 61 -12.61 -4.42 -6.13
C PRO B 61 -12.39 -3.65 -7.42
N GLU B 62 -12.74 -2.37 -7.39
CA GLU B 62 -12.61 -1.48 -8.55
C GLU B 62 -11.14 -1.23 -8.91
N GLY B 63 -10.33 -0.96 -7.89
CA GLY B 63 -8.91 -0.74 -8.08
C GLY B 63 -8.21 -1.99 -8.57
N ILE B 64 -8.61 -3.14 -8.03
CA ILE B 64 -8.04 -4.42 -8.42
C ILE B 64 -8.25 -4.68 -9.92
N LYS B 65 -9.48 -4.51 -10.40
CA LYS B 65 -9.79 -4.74 -11.81
C LYS B 65 -9.07 -3.76 -12.75
N ALA B 66 -9.11 -2.47 -12.41
CA ALA B 66 -8.45 -1.45 -13.23
C ALA B 66 -6.96 -1.73 -13.42
N ASN B 67 -6.29 -2.14 -12.34
CA ASN B 67 -4.86 -2.42 -12.42
C ASN B 67 -4.55 -3.69 -13.17
N ILE B 68 -5.42 -4.69 -13.07
CA ILE B 68 -5.22 -5.94 -13.78
C ILE B 68 -5.36 -5.68 -15.27
N ASP B 69 -6.43 -4.97 -15.65
CA ASP B 69 -6.66 -4.66 -17.06
C ASP B 69 -5.60 -3.77 -17.67
N ALA B 70 -5.20 -2.75 -16.95
CA ALA B 70 -4.22 -1.81 -17.48
C ALA B 70 -2.74 -2.09 -17.31
N HIS B 71 -2.34 -2.80 -16.26
CA HIS B 71 -0.92 -3.04 -16.05
C HIS B 71 -0.48 -4.47 -15.90
N LEU B 72 -1.12 -5.18 -14.98
CA LEU B 72 -0.73 -6.55 -14.68
C LEU B 72 -0.94 -7.55 -15.79
N ALA B 73 -2.16 -7.62 -16.33
CA ALA B 73 -2.44 -8.57 -17.42
C ALA B 73 -1.57 -8.40 -18.67
N PRO B 74 -1.43 -7.15 -19.19
CA PRO B 74 -0.62 -6.95 -20.40
C PRO B 74 0.80 -7.48 -20.24
N ALA B 75 1.31 -7.46 -19.02
CA ALA B 75 2.68 -7.94 -18.77
C ALA B 75 2.82 -9.47 -18.84
N LEU B 76 1.70 -10.19 -18.74
CA LEU B 76 1.71 -11.65 -18.77
C LEU B 76 1.32 -12.32 -20.08
N ILE B 77 0.54 -11.62 -20.90
CA ILE B 77 0.10 -12.19 -22.18
C ILE B 77 1.35 -12.51 -23.01
N GLY B 78 1.51 -13.78 -23.35
CA GLY B 78 2.64 -14.17 -24.16
C GLY B 78 3.66 -15.01 -23.42
N LEU B 79 3.68 -14.93 -22.09
CA LEU B 79 4.63 -15.70 -21.28
C LEU B 79 4.18 -17.11 -21.07
N ALA B 80 5.13 -18.00 -20.78
CA ALA B 80 4.85 -19.42 -20.53
C ALA B 80 3.96 -19.52 -19.29
N ALA B 81 2.81 -20.16 -19.46
CA ALA B 81 1.84 -20.34 -18.38
C ALA B 81 2.35 -21.31 -17.32
N ASP B 82 3.31 -22.15 -17.72
CA ASP B 82 3.88 -23.16 -16.85
C ASP B 82 5.08 -22.70 -16.00
N ASN B 83 5.49 -21.44 -16.16
CA ASN B 83 6.59 -20.92 -15.37
C ASN B 83 6.02 -19.85 -14.47
N ILE B 84 5.41 -20.29 -13.38
CA ILE B 84 4.75 -19.39 -12.44
C ILE B 84 5.71 -18.42 -11.74
N ASN B 85 6.89 -18.92 -11.38
CA ASN B 85 7.93 -18.13 -10.71
C ASN B 85 8.33 -16.93 -11.58
N ALA B 86 8.62 -17.21 -12.85
CA ALA B 86 9.04 -16.16 -13.77
C ALA B 86 7.96 -15.12 -13.93
N ALA B 87 6.71 -15.57 -14.00
CA ALA B 87 5.55 -14.68 -14.15
C ALA B 87 5.34 -13.78 -12.94
N MET B 88 5.43 -14.36 -11.75
CA MET B 88 5.21 -13.61 -10.52
C MET B 88 6.35 -12.66 -10.19
N LEU B 89 7.56 -13.05 -10.57
CA LEU B 89 8.73 -12.20 -10.34
C LEU B 89 8.65 -10.99 -11.26
N LYS B 90 8.14 -11.20 -12.47
CA LYS B 90 7.97 -10.11 -13.43
C LYS B 90 7.03 -9.07 -12.85
N LEU B 91 5.90 -9.52 -12.28
CA LEU B 91 4.92 -8.63 -11.69
C LEU B 91 5.50 -7.81 -10.54
N ASP B 92 6.42 -8.40 -9.78
CA ASP B 92 7.06 -7.71 -8.65
C ASP B 92 7.99 -6.61 -9.14
N LYS B 93 8.47 -6.78 -10.37
CA LYS B 93 9.37 -5.83 -10.98
C LYS B 93 8.64 -4.63 -11.55
N LEU B 94 7.39 -4.82 -11.99
CA LEU B 94 6.65 -3.67 -12.52
C LEU B 94 5.65 -3.11 -11.55
N ALA B 95 5.30 -3.86 -10.51
CA ALA B 95 4.29 -3.37 -9.59
C ALA B 95 4.65 -3.50 -8.14
N LYS B 96 4.59 -2.38 -7.45
CA LYS B 96 4.87 -2.33 -6.02
C LYS B 96 3.54 -2.71 -5.36
N GLY B 97 3.62 -3.56 -4.35
CA GLY B 97 2.42 -3.97 -3.63
C GLY B 97 1.41 -4.68 -4.53
N ASN B 98 0.15 -4.29 -4.46
CA ASN B 98 -0.92 -4.92 -5.25
C ASN B 98 -1.00 -6.44 -5.04
N THR B 99 -0.85 -6.83 -3.78
CA THR B 99 -0.85 -8.23 -3.33
C THR B 99 -2.15 -9.01 -3.55
N PHE B 100 -3.29 -8.34 -3.41
CA PHE B 100 -4.59 -9.00 -3.59
C PHE B 100 -4.70 -9.42 -5.06
N ALA B 101 -4.36 -8.48 -5.94
CA ALA B 101 -4.40 -8.70 -7.38
C ALA B 101 -3.43 -9.81 -7.74
N LYS B 102 -2.22 -9.76 -7.16
CA LYS B 102 -1.20 -10.77 -7.43
C LYS B 102 -1.66 -12.12 -6.96
N SER B 103 -2.35 -12.14 -5.82
CA SER B 103 -2.87 -13.36 -5.23
C SER B 103 -3.89 -14.05 -6.13
N GLY B 104 -4.75 -13.25 -6.78
CA GLY B 104 -5.74 -13.81 -7.69
C GLY B 104 -5.08 -14.40 -8.91
N ILE B 105 -4.12 -13.66 -9.45
CA ILE B 105 -3.37 -14.11 -10.63
C ILE B 105 -2.59 -15.40 -10.37
N GLU B 106 -1.86 -15.47 -9.25
CA GLU B 106 -1.09 -16.66 -8.92
C GLU B 106 -2.01 -17.87 -8.69
N SER B 107 -3.14 -17.63 -8.02
CA SER B 107 -4.10 -18.70 -7.75
C SER B 107 -4.58 -19.31 -9.07
N ALA B 108 -4.82 -18.46 -10.05
CA ALA B 108 -5.29 -18.88 -11.37
C ALA B 108 -4.23 -19.65 -12.14
N LEU B 109 -2.98 -19.18 -12.10
CA LEU B 109 -1.88 -19.87 -12.79
C LEU B 109 -1.65 -21.24 -12.16
N LEU B 110 -1.76 -21.31 -10.84
CA LEU B 110 -1.58 -22.56 -10.11
C LEU B 110 -2.71 -23.56 -10.43
N ASP B 111 -3.91 -23.05 -10.60
CA ASP B 111 -5.08 -23.85 -10.93
C ASP B 111 -4.89 -24.47 -12.32
N ALA B 112 -4.55 -23.62 -13.28
CA ALA B 112 -4.31 -24.05 -14.65
C ALA B 112 -3.19 -25.09 -14.72
N GLN B 113 -2.10 -24.84 -14.00
CA GLN B 113 -0.96 -25.75 -13.98
C GLN B 113 -1.29 -27.10 -13.32
N GLY B 114 -2.21 -27.08 -12.36
CA GLY B 114 -2.62 -28.29 -11.68
C GLY B 114 -3.48 -29.16 -12.59
N LYS B 115 -4.35 -28.52 -13.37
CA LYS B 115 -5.23 -29.20 -14.34
C LYS B 115 -4.40 -29.77 -15.48
N ARG B 116 -3.36 -29.04 -15.86
CA ARG B 116 -2.44 -29.40 -16.93
C ARG B 116 -1.64 -30.66 -16.59
N LEU B 117 -1.13 -30.73 -15.36
CA LEU B 117 -0.32 -31.87 -14.90
C LEU B 117 -1.14 -32.92 -14.17
N GLY B 118 -2.43 -32.65 -13.96
CA GLY B 118 -3.31 -33.59 -13.27
C GLY B 118 -3.09 -33.70 -11.77
N LEU B 119 -2.52 -32.67 -11.15
CA LEU B 119 -2.24 -32.66 -9.72
C LEU B 119 -2.97 -31.55 -9.00
N PRO B 120 -3.29 -31.76 -7.71
CA PRO B 120 -3.97 -30.75 -6.90
C PRO B 120 -2.90 -29.68 -6.62
N VAL B 121 -3.32 -28.43 -6.46
CA VAL B 121 -2.36 -27.34 -6.19
C VAL B 121 -1.46 -27.63 -4.99
N SER B 122 -1.98 -28.32 -3.97
CA SER B 122 -1.21 -28.64 -2.77
C SER B 122 0.01 -29.50 -3.11
N GLU B 123 -0.15 -30.35 -4.12
CA GLU B 123 0.93 -31.22 -4.58
C GLU B 123 1.93 -30.42 -5.40
N LEU B 124 1.45 -29.42 -6.13
CA LEU B 124 2.34 -28.56 -6.90
C LEU B 124 3.19 -27.79 -5.90
N LEU B 125 2.59 -27.47 -4.75
CA LEU B 125 3.30 -26.74 -3.72
C LEU B 125 4.18 -27.63 -2.85
N GLY B 126 4.30 -28.89 -3.23
CA GLY B 126 5.15 -29.80 -2.47
C GLY B 126 4.56 -31.10 -1.94
N GLY B 127 3.30 -31.07 -1.56
CA GLY B 127 2.67 -32.26 -1.03
C GLY B 127 1.97 -31.95 0.27
N ARG B 128 0.72 -32.38 0.37
CA ARG B 128 -0.08 -32.16 1.57
C ARG B 128 0.29 -33.14 2.69
N VAL B 129 0.15 -32.69 3.93
CA VAL B 129 0.42 -33.55 5.07
C VAL B 129 -0.90 -33.85 5.76
N ARG B 130 -1.99 -33.29 5.24
CA ARG B 130 -3.31 -33.52 5.80
C ARG B 130 -4.33 -33.30 4.71
N ASP B 131 -5.57 -33.73 4.93
CA ASP B 131 -6.66 -33.57 3.95
C ASP B 131 -7.79 -32.66 4.42
N SER B 132 -7.72 -32.20 5.66
CA SER B 132 -8.74 -31.33 6.19
C SER B 132 -8.13 -30.30 7.12
N LEU B 133 -8.84 -29.19 7.35
CA LEU B 133 -8.35 -28.12 8.22
C LEU B 133 -9.46 -27.71 9.17
N GLU B 134 -9.09 -27.49 10.43
CA GLU B 134 -10.03 -27.07 11.48
C GLU B 134 -10.50 -25.67 11.12
N VAL B 135 -11.79 -25.40 11.27
CA VAL B 135 -12.33 -24.09 10.93
C VAL B 135 -13.07 -23.41 12.08
N ALA B 136 -12.66 -22.17 12.37
CA ALA B 136 -13.27 -21.36 13.41
C ALA B 136 -14.48 -20.63 12.83
N TRP B 137 -15.32 -20.12 13.72
CA TRP B 137 -16.52 -19.42 13.31
C TRP B 137 -16.65 -18.10 14.05
N THR B 138 -16.95 -17.04 13.32
CA THR B 138 -17.10 -15.72 13.92
C THR B 138 -18.56 -15.52 14.37
N LEU B 139 -18.77 -15.30 15.66
CA LEU B 139 -20.10 -15.04 16.21
C LEU B 139 -20.24 -13.54 16.04
N ALA B 140 -21.10 -13.10 15.13
CA ALA B 140 -21.27 -11.68 14.83
C ALA B 140 -22.63 -10.99 15.04
N SER B 141 -23.54 -11.63 15.77
CA SER B 141 -24.87 -11.04 15.97
C SER B 141 -24.93 -9.76 16.81
N GLY B 142 -23.89 -9.54 17.62
CA GLY B 142 -23.87 -8.37 18.47
C GLY B 142 -24.55 -8.62 19.80
N ASP B 143 -25.50 -9.56 19.81
CA ASP B 143 -26.23 -9.90 21.02
C ASP B 143 -25.59 -11.12 21.67
N THR B 144 -25.20 -10.96 22.93
CA THR B 144 -24.56 -12.01 23.71
C THR B 144 -25.36 -13.30 23.79
N ALA B 145 -26.65 -13.15 24.06
CA ALA B 145 -27.54 -14.29 24.19
C ALA B 145 -27.64 -15.06 22.88
N ARG B 146 -27.73 -14.33 21.78
CA ARG B 146 -27.82 -14.91 20.43
C ARG B 146 -26.52 -15.59 20.05
N ASP B 147 -25.40 -14.98 20.41
CA ASP B 147 -24.09 -15.53 20.11
C ASP B 147 -23.90 -16.86 20.81
N ILE B 148 -24.29 -16.94 22.08
CA ILE B 148 -24.15 -18.18 22.83
C ILE B 148 -24.99 -19.27 22.19
N ALA B 149 -26.18 -18.88 21.73
CA ALA B 149 -27.11 -19.79 21.09
C ALA B 149 -26.54 -20.33 19.75
N GLU B 150 -25.99 -19.44 18.94
CA GLU B 150 -25.40 -19.81 17.65
C GLU B 150 -24.23 -20.74 17.89
N ALA B 151 -23.49 -20.47 18.96
CA ALA B 151 -22.33 -21.29 19.32
C ALA B 151 -22.74 -22.70 19.77
N ARG B 152 -23.80 -22.78 20.58
CA ARG B 152 -24.30 -24.08 21.06
C ARG B 152 -24.76 -24.92 19.86
N HIS B 153 -25.38 -24.25 18.89
CA HIS B 153 -25.87 -24.89 17.69
C HIS B 153 -24.73 -25.47 16.84
N MET B 154 -23.73 -24.64 16.56
CA MET B 154 -22.58 -25.06 15.76
C MET B 154 -21.84 -26.23 16.39
N LEU B 155 -21.85 -26.28 17.72
CA LEU B 155 -21.22 -27.37 18.44
C LEU B 155 -22.08 -28.62 18.28
N GLU B 156 -23.40 -28.42 18.36
CA GLU B 156 -24.37 -29.50 18.24
C GLU B 156 -24.28 -30.25 16.92
N ILE B 157 -24.31 -29.51 15.82
CA ILE B 157 -24.21 -30.10 14.48
C ILE B 157 -22.75 -30.43 14.10
N ARG B 158 -21.86 -30.31 15.07
CA ARG B 158 -20.43 -30.59 14.89
C ARG B 158 -19.74 -29.83 13.75
N ARG B 159 -20.14 -28.57 13.55
CA ARG B 159 -19.55 -27.75 12.51
C ARG B 159 -18.39 -26.90 13.03
N HIS B 160 -18.52 -26.35 14.22
CA HIS B 160 -17.44 -25.51 14.79
C HIS B 160 -17.34 -25.70 16.29
N ARG B 161 -16.11 -25.61 16.81
CA ARG B 161 -15.87 -25.72 18.24
C ARG B 161 -14.88 -24.64 18.66
N VAL B 162 -14.55 -23.77 17.71
CA VAL B 162 -13.62 -22.67 17.93
C VAL B 162 -14.40 -21.46 17.47
N PHE B 163 -14.49 -20.45 18.33
CA PHE B 163 -15.26 -19.25 18.02
C PHE B 163 -14.46 -17.97 18.17
N LYS B 164 -14.71 -17.07 17.24
CA LYS B 164 -14.01 -15.81 17.19
C LYS B 164 -14.98 -14.65 17.36
N LEU B 165 -14.59 -13.69 18.18
CA LEU B 165 -15.44 -12.53 18.43
C LEU B 165 -14.74 -11.27 17.96
N LYS B 166 -15.45 -10.46 17.18
CA LYS B 166 -14.93 -9.19 16.69
C LYS B 166 -15.34 -8.12 17.68
N ILE B 167 -14.35 -7.49 18.31
CA ILE B 167 -14.63 -6.45 19.29
C ILE B 167 -13.84 -5.18 18.97
N GLY B 168 -14.03 -4.16 19.79
CA GLY B 168 -13.33 -2.90 19.59
C GLY B 168 -14.12 -1.70 19.15
N ALA B 169 -15.36 -1.92 18.69
CA ALA B 169 -16.21 -0.83 18.23
C ALA B 169 -17.07 -0.19 19.33
N ASN B 170 -17.15 -0.87 20.47
CA ASN B 170 -17.94 -0.35 21.58
C ASN B 170 -17.01 -0.04 22.74
N PRO B 171 -17.53 0.53 23.82
CA PRO B 171 -16.66 0.84 24.96
C PRO B 171 -16.01 -0.43 25.45
N VAL B 172 -14.71 -0.33 25.71
CA VAL B 172 -13.89 -1.45 26.15
C VAL B 172 -14.59 -2.36 27.15
N GLU B 173 -15.09 -1.78 28.23
CA GLU B 173 -15.76 -2.55 29.27
C GLU B 173 -17.04 -3.27 28.84
N GLN B 174 -17.68 -2.77 27.80
CA GLN B 174 -18.89 -3.38 27.28
C GLN B 174 -18.51 -4.64 26.48
N ASP B 175 -17.44 -4.53 25.69
CA ASP B 175 -16.94 -5.63 24.88
C ASP B 175 -16.35 -6.73 25.74
N LEU B 176 -15.70 -6.35 26.83
CA LEU B 176 -15.10 -7.31 27.76
C LEU B 176 -16.17 -8.13 28.44
N LYS B 177 -17.26 -7.49 28.82
CA LYS B 177 -18.38 -8.18 29.49
C LYS B 177 -18.98 -9.20 28.53
N HIS B 178 -19.17 -8.78 27.29
CA HIS B 178 -19.72 -9.62 26.25
C HIS B 178 -18.88 -10.89 26.06
N VAL B 179 -17.58 -10.70 25.85
CA VAL B 179 -16.65 -11.79 25.62
C VAL B 179 -16.51 -12.76 26.80
N VAL B 180 -16.44 -12.21 28.00
CA VAL B 180 -16.28 -13.01 29.21
C VAL B 180 -17.52 -13.86 29.50
N THR B 181 -18.69 -13.31 29.19
CA THR B 181 -19.96 -14.02 29.39
C THR B 181 -20.05 -15.23 28.46
N ILE B 182 -19.63 -15.04 27.20
CA ILE B 182 -19.66 -16.12 26.22
C ILE B 182 -18.72 -17.25 26.59
N LYS B 183 -17.53 -16.93 27.10
CA LYS B 183 -16.58 -17.97 27.49
C LYS B 183 -17.03 -18.65 28.77
N ARG B 184 -17.70 -17.88 29.62
CA ARG B 184 -18.22 -18.37 30.89
C ARG B 184 -19.30 -19.43 30.66
N GLU B 185 -20.22 -19.15 29.73
CA GLU B 185 -21.34 -20.06 29.43
C GLU B 185 -20.99 -21.29 28.60
N LEU B 186 -19.99 -21.17 27.72
CA LEU B 186 -19.56 -22.29 26.89
C LEU B 186 -18.56 -23.17 27.62
N GLY B 187 -17.75 -22.56 28.48
CA GLY B 187 -16.78 -23.29 29.26
C GLY B 187 -15.69 -23.95 28.44
N ASP B 188 -15.34 -25.18 28.83
CA ASP B 188 -14.29 -25.92 28.14
C ASP B 188 -14.74 -26.61 26.87
N SER B 189 -15.99 -26.42 26.49
CA SER B 189 -16.49 -27.06 25.27
C SER B 189 -16.05 -26.35 23.99
N ALA B 190 -15.70 -25.08 24.10
CA ALA B 190 -15.28 -24.32 22.94
C ALA B 190 -14.07 -23.48 23.24
N SER B 191 -13.37 -23.11 22.18
CA SER B 191 -12.20 -22.25 22.28
C SER B 191 -12.74 -20.90 21.87
N VAL B 192 -12.50 -19.89 22.70
CA VAL B 192 -12.98 -18.55 22.44
C VAL B 192 -11.78 -17.63 22.21
N ARG B 193 -11.81 -16.91 21.11
CA ARG B 193 -10.75 -15.96 20.72
C ARG B 193 -11.34 -14.62 20.31
N VAL B 194 -10.53 -13.57 20.36
CA VAL B 194 -11.01 -12.25 19.94
C VAL B 194 -10.17 -11.66 18.85
N ASP B 195 -10.75 -10.68 18.19
CA ASP B 195 -10.09 -9.97 17.13
C ASP B 195 -10.52 -8.54 17.32
N VAL B 196 -9.56 -7.67 17.62
CA VAL B 196 -9.83 -6.25 17.84
C VAL B 196 -9.65 -5.35 16.62
N ASN B 197 -9.17 -5.91 15.53
CA ASN B 197 -8.99 -5.19 14.27
C ASN B 197 -8.35 -3.81 14.38
N GLN B 198 -7.27 -3.73 15.16
CA GLN B 198 -6.53 -2.48 15.36
C GLN B 198 -7.28 -1.37 16.10
N TYR B 199 -8.44 -1.68 16.68
CA TYR B 199 -9.26 -0.65 17.33
C TYR B 199 -8.84 -0.03 18.65
N TRP B 200 -7.96 -0.69 19.39
CA TRP B 200 -7.54 -0.11 20.66
C TRP B 200 -6.18 0.56 20.55
N ASP B 201 -5.90 1.50 21.44
CA ASP B 201 -4.55 2.05 21.49
C ASP B 201 -3.89 1.25 22.62
N GLU B 202 -2.56 1.32 22.74
CA GLU B 202 -1.86 0.56 23.76
C GLU B 202 -2.38 0.78 25.20
N SER B 203 -2.80 2.00 25.50
CA SER B 203 -3.28 2.30 26.84
C SER B 203 -4.57 1.55 27.21
N GLN B 204 -5.43 1.31 26.22
CA GLN B 204 -6.66 0.56 26.44
C GLN B 204 -6.38 -0.93 26.49
N ALA B 205 -5.47 -1.38 25.63
CA ALA B 205 -5.10 -2.81 25.54
C ALA B 205 -4.46 -3.38 26.79
N ILE B 206 -3.69 -2.59 27.50
CA ILE B 206 -2.99 -3.04 28.71
C ILE B 206 -3.91 -3.79 29.69
N ARG B 207 -5.00 -3.14 30.12
CA ARG B 207 -5.96 -3.75 31.04
C ARG B 207 -6.85 -4.78 30.35
N ALA B 208 -7.28 -4.48 29.14
CA ALA B 208 -8.15 -5.36 28.38
C ALA B 208 -7.54 -6.74 28.11
N CYS B 209 -6.27 -6.77 27.77
CA CYS B 209 -5.59 -8.04 27.49
C CYS B 209 -5.45 -8.89 28.74
N GLN B 210 -5.33 -8.23 29.89
CA GLN B 210 -5.19 -8.89 31.18
C GLN B 210 -6.51 -9.56 31.57
N VAL B 211 -7.61 -8.81 31.44
CA VAL B 211 -8.95 -9.31 31.76
C VAL B 211 -9.32 -10.49 30.89
N LEU B 212 -9.06 -10.34 29.58
CA LEU B 212 -9.36 -11.40 28.62
C LEU B 212 -8.54 -12.64 28.89
N GLY B 213 -7.25 -12.45 29.14
CA GLY B 213 -6.34 -13.53 29.43
C GLY B 213 -6.70 -14.25 30.71
N ASP B 214 -7.14 -13.50 31.71
CA ASP B 214 -7.51 -14.10 32.99
C ASP B 214 -8.84 -14.83 32.95
N ASN B 215 -9.63 -14.57 31.92
CA ASN B 215 -10.93 -15.19 31.83
C ASN B 215 -11.04 -16.25 30.76
N GLY B 216 -9.92 -16.89 30.45
CA GLY B 216 -9.91 -17.96 29.48
C GLY B 216 -9.94 -17.70 27.97
N ILE B 217 -9.67 -16.48 27.53
CA ILE B 217 -9.64 -16.22 26.09
C ILE B 217 -8.32 -16.78 25.58
N ASP B 218 -8.37 -17.65 24.57
CA ASP B 218 -7.15 -18.29 24.06
C ASP B 218 -6.12 -17.43 23.36
N LEU B 219 -6.56 -16.42 22.63
CA LEU B 219 -5.60 -15.56 21.96
C LEU B 219 -6.25 -14.24 21.64
N ILE B 220 -5.43 -13.20 21.51
CA ILE B 220 -5.92 -11.86 21.20
C ILE B 220 -5.33 -11.47 19.86
N GLU B 221 -6.18 -11.32 18.85
CA GLU B 221 -5.73 -10.99 17.51
C GLU B 221 -5.70 -9.49 17.25
N GLN B 222 -4.55 -9.02 16.76
CA GLN B 222 -4.31 -7.61 16.43
C GLN B 222 -5.01 -6.57 17.31
N PRO B 223 -4.68 -6.53 18.61
CA PRO B 223 -5.32 -5.57 19.52
C PRO B 223 -5.07 -4.11 19.18
N ILE B 224 -3.84 -3.77 18.80
CA ILE B 224 -3.51 -2.39 18.48
C ILE B 224 -3.03 -2.24 17.05
N SER B 225 -2.94 -1.00 16.61
CA SER B 225 -2.54 -0.67 15.26
C SER B 225 -1.13 -1.10 14.87
N ARG B 226 -0.96 -1.41 13.60
CA ARG B 226 0.34 -1.82 13.05
C ARG B 226 1.37 -0.72 13.13
N ILE B 227 0.93 0.52 13.31
CA ILE B 227 1.87 1.64 13.40
C ILE B 227 2.63 1.66 14.72
N ASN B 228 2.06 1.00 15.73
CA ASN B 228 2.69 0.96 17.05
C ASN B 228 3.48 -0.32 17.18
N ARG B 229 4.71 -0.31 16.67
CA ARG B 229 5.54 -1.49 16.74
C ARG B 229 5.98 -1.84 18.17
N GLY B 230 6.48 -0.82 18.88
CA GLY B 230 6.95 -1.02 20.26
C GLY B 230 5.85 -1.56 21.14
N GLY B 231 4.64 -1.06 20.93
CA GLY B 231 3.47 -1.47 21.68
C GLY B 231 3.19 -2.95 21.46
N GLN B 232 3.41 -3.41 20.23
CA GLN B 232 3.20 -4.82 19.91
C GLN B 232 4.24 -5.69 20.63
N VAL B 233 5.48 -5.20 20.66
CA VAL B 233 6.56 -5.91 21.33
C VAL B 233 6.26 -5.97 22.83
N ARG B 234 5.84 -4.85 23.41
CA ARG B 234 5.52 -4.82 24.84
C ARG B 234 4.33 -5.70 25.19
N LEU B 235 3.27 -5.66 24.39
CA LEU B 235 2.09 -6.51 24.64
C LEU B 235 2.42 -7.98 24.46
N ASN B 236 3.35 -8.29 23.57
CA ASN B 236 3.76 -9.68 23.33
C ASN B 236 4.47 -10.25 24.55
N GLN B 237 5.10 -9.38 25.34
CA GLN B 237 5.80 -9.80 26.54
C GLN B 237 4.96 -9.80 27.81
N ARG B 238 3.91 -8.99 27.85
CA ARG B 238 3.07 -8.88 29.05
C ARG B 238 1.66 -9.51 29.08
N THR B 239 1.00 -9.65 27.93
CA THR B 239 -0.36 -10.19 27.91
C THR B 239 -0.40 -11.66 28.32
N PRO B 240 -1.33 -12.05 29.21
CA PRO B 240 -1.48 -13.43 29.68
C PRO B 240 -1.87 -14.38 28.55
N ALA B 241 -2.55 -13.83 27.55
CA ALA B 241 -2.99 -14.61 26.40
C ALA B 241 -2.09 -14.15 25.25
N PRO B 242 -1.67 -15.07 24.36
CA PRO B 242 -0.81 -14.77 23.21
C PRO B 242 -1.40 -13.77 22.22
N ILE B 243 -0.51 -13.02 21.59
CA ILE B 243 -0.83 -11.96 20.62
C ILE B 243 -0.59 -12.49 19.21
N MET B 244 -1.59 -12.34 18.35
CA MET B 244 -1.48 -12.75 16.97
C MET B 244 -1.47 -11.52 16.07
N ALA B 245 -0.56 -11.52 15.09
CA ALA B 245 -0.49 -10.42 14.13
C ALA B 245 -1.25 -10.73 12.86
N ASP B 246 -2.00 -9.74 12.39
CA ASP B 246 -2.73 -9.88 11.13
C ASP B 246 -2.47 -8.68 10.25
N GLU B 247 -3.06 -7.54 10.57
CA GLU B 247 -2.88 -6.32 9.78
C GLU B 247 -1.44 -5.84 9.75
N SER B 248 -0.64 -6.26 10.72
CA SER B 248 0.75 -5.86 10.73
C SER B 248 1.51 -6.51 9.60
N ILE B 249 0.95 -7.58 9.03
CA ILE B 249 1.60 -8.26 7.92
C ILE B 249 0.90 -7.81 6.65
N GLU B 250 1.61 -7.03 5.85
CA GLU B 250 1.06 -6.57 4.57
C GLU B 250 2.03 -6.97 3.48
N SER B 251 2.95 -7.87 3.82
CA SER B 251 3.95 -8.35 2.89
C SER B 251 4.78 -9.39 3.62
N VAL B 252 5.55 -10.18 2.88
CA VAL B 252 6.40 -11.21 3.45
C VAL B 252 7.51 -10.55 4.29
N GLU B 253 7.98 -9.39 3.84
CA GLU B 253 9.04 -8.68 4.52
C GLU B 253 8.61 -8.14 5.88
N ASP B 254 7.32 -7.86 6.02
CA ASP B 254 6.77 -7.40 7.30
C ASP B 254 6.86 -8.54 8.29
N ALA B 255 6.60 -9.75 7.81
CA ALA B 255 6.64 -10.96 8.63
C ALA B 255 8.05 -11.14 9.21
N PHE B 256 9.07 -10.94 8.38
CA PHE B 256 10.44 -11.06 8.85
C PHE B 256 10.70 -10.04 9.97
N SER B 257 10.32 -8.79 9.69
CA SER B 257 10.48 -7.66 10.62
C SER B 257 9.83 -7.96 11.98
N LEU B 258 8.57 -8.39 11.98
CA LEU B 258 7.84 -8.71 13.20
C LEU B 258 8.49 -9.85 13.94
N ALA B 259 9.02 -10.81 13.18
CA ALA B 259 9.68 -12.00 13.77
C ALA B 259 10.96 -11.56 14.45
N ALA B 260 11.76 -10.78 13.73
CA ALA B 260 13.03 -10.30 14.26
C ALA B 260 12.80 -9.44 15.51
N ASP B 261 11.69 -8.72 15.53
CA ASP B 261 11.36 -7.84 16.66
C ASP B 261 10.72 -8.53 17.84
N GLY B 262 10.09 -9.67 17.59
CA GLY B 262 9.38 -10.37 18.64
C GLY B 262 8.08 -9.63 18.93
N ALA B 263 7.40 -9.18 17.88
CA ALA B 263 6.14 -8.44 18.01
C ALA B 263 4.87 -9.29 18.16
N ALA B 264 4.99 -10.60 17.96
CA ALA B 264 3.83 -11.50 18.07
C ALA B 264 4.30 -12.94 18.16
N SER B 265 3.55 -13.78 18.85
CA SER B 265 3.91 -15.19 18.98
C SER B 265 3.15 -16.05 18.00
N ILE B 266 2.22 -15.42 17.27
CA ILE B 266 1.38 -16.11 16.26
C ILE B 266 1.22 -15.17 15.06
N PHE B 267 1.24 -15.73 13.85
CA PHE B 267 1.04 -14.95 12.62
C PHE B 267 -0.20 -15.44 11.92
N ALA B 268 -1.03 -14.53 11.44
CA ALA B 268 -2.19 -14.95 10.66
C ALA B 268 -1.66 -15.01 9.23
N LEU B 269 -1.99 -16.08 8.50
CA LEU B 269 -1.53 -16.23 7.13
C LEU B 269 -2.66 -15.96 6.16
N LYS B 270 -2.52 -14.93 5.33
CA LYS B 270 -3.54 -14.61 4.36
C LYS B 270 -2.90 -14.48 2.99
N ILE B 271 -3.38 -15.25 2.02
CA ILE B 271 -2.81 -15.19 0.68
C ILE B 271 -2.92 -13.79 0.06
N ALA B 272 -4.03 -13.11 0.33
CA ALA B 272 -4.28 -11.77 -0.21
C ALA B 272 -3.32 -10.69 0.31
N LYS B 273 -2.88 -10.84 1.55
CA LYS B 273 -1.96 -9.90 2.21
C LYS B 273 -0.51 -10.16 1.88
N ASN B 274 -0.22 -11.34 1.33
CA ASN B 274 1.16 -11.69 1.01
C ASN B 274 1.46 -11.72 -0.45
N GLY B 275 0.47 -12.06 -1.27
CA GLY B 275 0.68 -12.10 -2.71
C GLY B 275 0.36 -13.39 -3.40
N GLY B 276 -0.34 -14.29 -2.72
CA GLY B 276 -0.71 -15.56 -3.34
C GLY B 276 -0.32 -16.77 -2.53
N PRO B 277 -0.75 -17.97 -2.94
CA PRO B 277 -0.45 -19.23 -2.25
C PRO B 277 1.07 -19.49 -1.99
N ARG B 278 1.91 -19.25 -2.99
CA ARG B 278 3.36 -19.45 -2.83
C ARG B 278 3.95 -18.39 -1.88
N ALA B 279 3.45 -17.17 -1.99
CA ALA B 279 3.92 -16.08 -1.14
C ALA B 279 3.58 -16.32 0.33
N VAL B 280 2.40 -16.86 0.58
CA VAL B 280 1.99 -17.12 1.96
C VAL B 280 2.89 -18.19 2.57
N LEU B 281 3.44 -19.07 1.73
CA LEU B 281 4.33 -20.12 2.18
C LEU B 281 5.69 -19.56 2.61
N ARG B 282 6.12 -18.47 1.97
CA ARG B 282 7.37 -17.81 2.36
C ARG B 282 7.22 -17.23 3.77
N THR B 283 6.08 -16.58 4.00
CA THR B 283 5.77 -15.99 5.31
C THR B 283 5.72 -17.06 6.39
N ALA B 284 5.12 -18.20 6.05
CA ALA B 284 4.99 -19.29 6.98
C ALA B 284 6.35 -19.89 7.28
N GLN B 285 7.21 -19.92 6.27
CA GLN B 285 8.56 -20.48 6.44
C GLN B 285 9.37 -19.61 7.37
N ILE B 286 9.20 -18.31 7.26
CA ILE B 286 9.91 -17.35 8.11
C ILE B 286 9.48 -17.54 9.56
N ALA B 287 8.17 -17.73 9.76
CA ALA B 287 7.63 -17.90 11.09
C ALA B 287 8.15 -19.19 11.71
N GLU B 288 8.20 -20.23 10.91
CA GLU B 288 8.67 -21.54 11.32
C GLU B 288 10.12 -21.51 11.76
N ALA B 289 10.95 -20.76 11.05
CA ALA B 289 12.37 -20.62 11.35
C ALA B 289 12.60 -19.83 12.63
N ALA B 290 11.60 -19.06 13.04
CA ALA B 290 11.69 -18.26 14.26
C ALA B 290 10.94 -18.89 15.44
N GLY B 291 10.10 -19.89 15.18
CA GLY B 291 9.35 -20.55 16.24
C GLY B 291 8.00 -19.90 16.53
N ILE B 292 7.47 -19.19 15.55
CA ILE B 292 6.20 -18.49 15.68
C ILE B 292 5.05 -19.38 15.19
N GLY B 293 3.98 -19.45 15.99
CA GLY B 293 2.83 -20.28 15.67
C GLY B 293 2.01 -19.77 14.50
N LEU B 294 1.32 -20.66 13.81
CA LEU B 294 0.52 -20.30 12.65
C LEU B 294 -1.00 -20.44 12.78
N TYR B 295 -1.69 -19.68 11.94
CA TYR B 295 -3.14 -19.65 11.89
C TYR B 295 -3.52 -19.31 10.45
N GLY B 296 -4.44 -20.07 9.89
CA GLY B 296 -4.89 -19.84 8.52
C GLY B 296 -6.00 -18.81 8.45
N GLY B 297 -5.67 -17.62 7.98
CA GLY B 297 -6.65 -16.55 7.90
C GLY B 297 -7.36 -16.42 6.58
N THR B 298 -8.31 -15.50 6.53
CA THR B 298 -9.11 -15.30 5.33
C THR B 298 -9.54 -13.84 5.25
N MET B 299 -9.92 -13.41 4.04
CA MET B 299 -10.45 -12.07 3.78
C MET B 299 -11.91 -12.25 3.34
N LEU B 300 -12.55 -13.30 3.86
CA LEU B 300 -13.94 -13.67 3.56
C LEU B 300 -14.13 -14.01 2.07
N GLU B 301 -13.19 -14.77 1.52
CA GLU B 301 -13.25 -15.17 0.13
C GLU B 301 -14.30 -16.24 -0.10
N GLY B 302 -14.71 -16.38 -1.37
CA GLY B 302 -15.66 -17.40 -1.75
C GLY B 302 -14.89 -18.70 -1.85
N SER B 303 -15.42 -19.69 -2.54
CA SER B 303 -14.75 -20.97 -2.63
C SER B 303 -13.41 -21.00 -3.36
N ILE B 304 -13.23 -20.14 -4.39
CA ILE B 304 -11.97 -20.14 -5.12
C ILE B 304 -10.80 -19.72 -4.23
N GLY B 305 -10.97 -18.57 -3.56
CA GLY B 305 -9.94 -18.03 -2.68
C GLY B 305 -9.74 -18.88 -1.44
N THR B 306 -10.82 -19.47 -0.94
CA THR B 306 -10.76 -20.34 0.24
C THR B 306 -9.95 -21.60 -0.06
N LEU B 307 -10.23 -22.23 -1.20
CA LEU B 307 -9.52 -23.44 -1.62
C LEU B 307 -8.09 -23.13 -1.99
N ALA B 308 -7.85 -21.95 -2.57
CA ALA B 308 -6.49 -21.52 -2.92
C ALA B 308 -5.68 -21.38 -1.63
N SER B 309 -6.31 -20.87 -0.56
CA SER B 309 -5.65 -20.73 0.74
C SER B 309 -5.42 -22.11 1.35
N ALA B 310 -6.47 -22.91 1.35
CA ALA B 310 -6.46 -24.26 1.92
C ALA B 310 -5.38 -25.17 1.36
N HIS B 311 -5.20 -25.13 0.05
CA HIS B 311 -4.20 -25.96 -0.62
C HIS B 311 -2.79 -25.64 -0.15
N ALA B 312 -2.57 -24.39 0.23
CA ALA B 312 -1.26 -23.99 0.72
C ALA B 312 -1.14 -24.42 2.17
N PHE B 313 -2.21 -24.28 2.95
CA PHE B 313 -2.17 -24.62 4.36
C PHE B 313 -2.01 -26.13 4.61
N LEU B 314 -2.39 -26.95 3.64
CA LEU B 314 -2.26 -28.39 3.78
C LEU B 314 -0.81 -28.85 3.79
N THR B 315 0.08 -28.03 3.22
CA THR B 315 1.51 -28.37 3.13
C THR B 315 2.29 -28.03 4.40
N LEU B 316 1.69 -27.21 5.26
CA LEU B 316 2.32 -26.78 6.50
C LEU B 316 2.47 -27.89 7.55
N ARG B 317 3.64 -27.92 8.18
CA ARG B 317 3.96 -28.89 9.22
C ARG B 317 2.94 -28.82 10.34
N GLN B 318 2.68 -27.59 10.79
CA GLN B 318 1.76 -27.37 11.89
C GLN B 318 1.09 -26.00 11.87
N LEU B 319 -0.20 -26.00 12.17
CA LEU B 319 -0.98 -24.77 12.28
C LEU B 319 -1.60 -24.89 13.67
N THR B 320 -0.81 -24.48 14.66
CA THR B 320 -1.21 -24.55 16.06
C THR B 320 -2.61 -24.03 16.40
N TRP B 321 -3.02 -22.94 15.77
CA TRP B 321 -4.31 -22.34 16.09
C TRP B 321 -5.44 -22.53 15.10
N GLY B 322 -5.26 -23.48 14.18
CA GLY B 322 -6.27 -23.77 13.19
C GLY B 322 -6.38 -22.74 12.09
N THR B 323 -7.57 -22.65 11.50
CA THR B 323 -7.85 -21.71 10.42
C THR B 323 -9.24 -21.09 10.62
N GLU B 324 -9.60 -20.15 9.74
CA GLU B 324 -10.91 -19.54 9.77
C GLU B 324 -11.45 -19.49 8.35
N LEU B 325 -11.23 -20.56 7.60
CA LEU B 325 -11.67 -20.64 6.22
C LEU B 325 -13.15 -20.98 6.10
N PHE B 326 -14.00 -20.06 6.56
CA PHE B 326 -15.44 -20.26 6.54
C PHE B 326 -16.18 -19.30 5.60
N GLY B 327 -15.41 -18.55 4.80
CA GLY B 327 -15.97 -17.61 3.82
C GLY B 327 -17.16 -18.10 2.99
N PRO B 328 -17.10 -19.29 2.36
CA PRO B 328 -18.23 -19.78 1.55
C PRO B 328 -19.53 -19.95 2.34
N LEU B 329 -19.43 -20.22 3.65
CA LEU B 329 -20.62 -20.40 4.51
C LEU B 329 -21.42 -19.13 4.75
N LEU B 330 -20.85 -17.99 4.37
CA LEU B 330 -21.50 -16.70 4.55
C LEU B 330 -22.25 -16.28 3.30
N LEU B 331 -21.96 -16.92 2.18
CA LEU B 331 -22.61 -16.60 0.91
C LEU B 331 -23.82 -17.48 0.68
N THR B 332 -24.92 -16.88 0.22
CA THR B 332 -26.13 -17.65 -0.06
C THR B 332 -26.08 -18.28 -1.45
N GLU B 333 -25.38 -17.59 -2.35
CA GLU B 333 -25.22 -18.03 -3.73
C GLU B 333 -23.73 -18.11 -4.03
N GLU B 334 -23.34 -19.02 -4.91
CA GLU B 334 -21.94 -19.19 -5.28
C GLU B 334 -21.79 -19.12 -6.79
N ILE B 335 -20.55 -19.01 -7.26
CA ILE B 335 -20.29 -18.95 -8.69
C ILE B 335 -19.55 -20.19 -9.21
N VAL B 336 -19.34 -21.16 -8.34
CA VAL B 336 -18.68 -22.42 -8.72
C VAL B 336 -19.73 -23.52 -8.57
N ASN B 337 -19.46 -24.66 -9.19
CA ASN B 337 -20.39 -25.80 -9.15
C ASN B 337 -20.22 -26.73 -7.97
N GLU B 338 -19.00 -26.80 -7.45
CA GLU B 338 -18.66 -27.69 -6.33
C GLU B 338 -18.72 -27.03 -4.97
N PRO B 339 -19.69 -27.42 -4.13
CA PRO B 339 -19.79 -26.85 -2.79
C PRO B 339 -18.73 -27.46 -1.87
N PRO B 340 -18.12 -26.63 -0.98
CA PRO B 340 -17.10 -27.13 -0.04
C PRO B 340 -17.69 -28.01 1.05
N GLN B 341 -16.92 -28.99 1.48
CA GLN B 341 -17.36 -29.93 2.51
C GLN B 341 -16.96 -29.56 3.93
N TYR B 342 -17.92 -29.04 4.69
CA TYR B 342 -17.67 -28.71 6.09
C TYR B 342 -18.32 -29.85 6.85
N ARG B 343 -17.50 -30.57 7.59
CA ARG B 343 -17.97 -31.72 8.34
C ARG B 343 -17.00 -31.98 9.48
N ASP B 344 -17.57 -32.29 10.65
CA ASP B 344 -16.80 -32.61 11.85
C ASP B 344 -15.74 -31.60 12.22
N PHE B 345 -16.18 -30.36 12.38
CA PHE B 345 -15.35 -29.24 12.78
C PHE B 345 -14.27 -28.86 11.76
N GLN B 346 -14.28 -29.50 10.59
CA GLN B 346 -13.24 -29.22 9.60
C GLN B 346 -13.72 -29.01 8.17
N LEU B 347 -12.85 -28.43 7.35
CA LEU B 347 -13.10 -28.20 5.94
C LEU B 347 -12.32 -29.31 5.26
N HIS B 348 -12.94 -30.06 4.35
CA HIS B 348 -12.25 -31.16 3.68
C HIS B 348 -11.89 -30.82 2.25
N ILE B 349 -10.64 -31.12 1.88
CA ILE B 349 -10.12 -30.79 0.55
C ILE B 349 -9.86 -32.04 -0.28
N PRO B 350 -10.49 -32.15 -1.45
CA PRO B 350 -10.29 -33.33 -2.28
C PRO B 350 -8.94 -33.37 -3.00
N ARG B 351 -8.62 -34.51 -3.60
CA ARG B 351 -7.37 -34.70 -4.33
C ARG B 351 -7.60 -34.61 -5.84
N THR B 352 -8.46 -33.68 -6.25
CA THR B 352 -8.78 -33.45 -7.65
C THR B 352 -7.79 -32.45 -8.22
N PRO B 353 -7.57 -32.44 -9.55
CA PRO B 353 -6.62 -31.49 -10.14
C PRO B 353 -6.96 -30.01 -9.94
N GLY B 354 -5.92 -29.19 -9.83
CA GLY B 354 -6.09 -27.76 -9.61
C GLY B 354 -6.71 -27.48 -8.26
N LEU B 355 -7.59 -26.48 -8.22
CA LEU B 355 -8.29 -26.11 -7.01
C LEU B 355 -9.49 -27.02 -6.86
N GLY B 356 -9.74 -27.83 -7.90
CA GLY B 356 -10.87 -28.76 -7.90
C GLY B 356 -12.23 -28.11 -8.08
N LEU B 357 -12.24 -26.90 -8.64
CA LEU B 357 -13.47 -26.16 -8.86
C LEU B 357 -13.68 -25.75 -10.31
N THR B 358 -14.94 -25.59 -10.69
CA THR B 358 -15.30 -25.18 -12.04
C THR B 358 -16.38 -24.10 -11.88
N LEU B 359 -16.35 -23.11 -12.77
CA LEU B 359 -17.32 -22.02 -12.75
C LEU B 359 -18.70 -22.44 -13.24
N ASP B 360 -19.70 -21.80 -12.65
CA ASP B 360 -21.10 -22.00 -13.02
C ASP B 360 -21.34 -20.76 -13.90
N GLU B 361 -21.26 -20.94 -15.21
CA GLU B 361 -21.41 -19.82 -16.16
C GLU B 361 -22.69 -19.01 -16.04
N GLN B 362 -23.76 -19.68 -15.62
CA GLN B 362 -25.05 -19.03 -15.48
C GLN B 362 -25.14 -18.14 -14.26
N ARG B 363 -24.69 -18.63 -13.11
CA ARG B 363 -24.72 -17.82 -11.89
C ARG B 363 -23.70 -16.69 -11.99
N LEU B 364 -22.59 -16.96 -12.70
CA LEU B 364 -21.54 -15.96 -12.89
C LEU B 364 -22.10 -14.76 -13.65
N ALA B 365 -22.76 -15.03 -14.77
CA ALA B 365 -23.37 -13.99 -15.61
C ALA B 365 -24.49 -13.24 -14.89
N ARG B 366 -25.13 -13.94 -13.97
CA ARG B 366 -26.24 -13.43 -13.19
C ARG B 366 -25.77 -12.46 -12.09
N PHE B 367 -24.61 -12.74 -11.51
CA PHE B 367 -24.10 -11.88 -10.43
C PHE B 367 -22.98 -10.93 -10.80
N ALA B 368 -22.49 -11.05 -12.02
CA ALA B 368 -21.42 -10.15 -12.49
C ALA B 368 -22.00 -8.77 -12.71
N ARG B 369 -21.32 -7.74 -12.21
CA ARG B 369 -21.81 -6.40 -12.40
C ARG B 369 -21.29 -5.81 -13.71
MN MN C . 14.11 9.41 -4.62
MN MN D . -7.89 -10.36 11.93
#